data_8XCD
#
_entry.id   8XCD
#
_cell.length_a   1.00
_cell.length_b   1.00
_cell.length_c   1.00
_cell.angle_alpha   90.00
_cell.angle_beta   90.00
_cell.angle_gamma   90.00
#
_symmetry.space_group_name_H-M   'P 1'
#
loop_
_entity.id
_entity.type
_entity.pdbx_description
1 polymer 'Solute carrier family 10 member a1'
2 polymer 'YN69083 Fab Heavy chain'
3 polymer 'YN69083 Fab Light chain'
4 non-polymer 'TAUROCHOLIC ACID'
#
loop_
_entity_poly.entity_id
_entity_poly.type
_entity_poly.pdbx_seq_one_letter_code
_entity_poly.pdbx_strand_id
1 'polypeptide(L)'
;GPMEAHNASAPFNFTLPPNFGKRPTDLALSIILVFMLFFVMLSLGCTMEFSKIKAHLWKPKGLAIALVAQYGIMPLTAFV
LGKVFQLNNIEALAILVCGCSPGGNLSNVFSLAMKGDMNLSIVMTTCSTFCALGMMPLLLYLYTRGIYDGDLKDKVPYGR
IILSLVPVLIPCTIGIVLKSKRPQYMRYVIKGGMIIILLCSVAVTVLSAINVGKSIMFAMTPLLIATSSLMPFIGFLLGY
VLSALFCLNGRCRRTVSMETGCQNVQLCSTILNVAFPPEVIGPLFFFPLLYMIFQLGEGLLLIAMFRCYEKFKTPKDKTK
MIYTAATTEETIPAALGNGTYKGEDCSPCTA
;
A
2 'polypeptide(L)'
;EVQLQQPGAELVKPGASVKLSCKTSGYTFTNYWMKWVKQRPGQGLEWIGEINPSNGGTNYNGKFKSKASLTVDKSSSTAY
MQLSSLTSEDSAVYYCTILVYDAYYVFAMDYWGLGTSVTVSSAKTTPPSVYPLAPGSAAQTNSMVTLGCLVKGYFPEPVT
VTWNSGSLSSGVHTFPAVLQSDLYTLSSSVTVPSSTWPSETVTCNVAHPASSTKVDKKIVPRDCGCKPCICTVPEVSSVF
IFPPKPKDVLTITLT
;
H
3 'polypeptide(L)'
;DIVMTQSPAIMSASPGQKVTITCSASSSVNYMHWYQQKLGSSPKLWIYDTSKLALGVPARFSGSGSGTSYSLTISSMEAE
DAASYFCHQWSSYPRTFGGGTKLEIKRADAAPTVSIFPPSSEQLTSGGASVVCFLNNFYPKDINVKWKIDGSERQNGVLN
SWTDQDSKDSTYSMSSTLTLTKDEYERHNSYTCEATHKTSTSPIVKSFNRNEC
;
L
#
loop_
_chem_comp.id
_chem_comp.type
_chem_comp.name
_chem_comp.formula
TCH non-polymer 'TAUROCHOLIC ACID' 'C26 H45 N O7 S'
#
# COMPACT_ATOMS: atom_id res chain seq x y z
N ARG A 23 15.50 -1.42 -18.38
CA ARG A 23 14.49 -1.82 -19.36
C ARG A 23 14.99 -1.90 -20.81
N PRO A 24 15.97 -1.08 -21.21
CA PRO A 24 16.59 -1.29 -22.53
C PRO A 24 17.12 -2.71 -22.71
N THR A 25 17.61 -3.34 -21.65
CA THR A 25 18.00 -4.75 -21.75
C THR A 25 16.79 -5.62 -22.09
N ASP A 26 15.63 -5.32 -21.52
CA ASP A 26 14.42 -6.08 -21.85
C ASP A 26 14.05 -5.92 -23.32
N LEU A 27 14.11 -4.69 -23.84
CA LEU A 27 13.79 -4.47 -25.25
C LEU A 27 14.78 -5.17 -26.15
N ALA A 28 16.07 -5.11 -25.82
CA ALA A 28 17.07 -5.80 -26.61
C ALA A 28 16.85 -7.31 -26.57
N LEU A 29 16.49 -7.85 -25.41
CA LEU A 29 16.20 -9.26 -25.31
C LEU A 29 15.00 -9.63 -26.17
N SER A 30 13.95 -8.81 -26.16
CA SER A 30 12.79 -9.11 -26.98
C SER A 30 13.13 -9.09 -28.47
N ILE A 31 13.93 -8.11 -28.90
CA ILE A 31 14.30 -8.03 -30.31
C ILE A 31 15.16 -9.22 -30.71
N ILE A 32 16.17 -9.55 -29.89
CA ILE A 32 17.04 -10.66 -30.22
C ILE A 32 16.26 -11.97 -30.22
N LEU A 33 15.29 -12.11 -29.32
CA LEU A 33 14.47 -13.32 -29.29
C LEU A 33 13.53 -13.41 -30.48
N VAL A 34 13.03 -12.27 -30.96
CA VAL A 34 12.19 -12.28 -32.16
C VAL A 34 13.02 -12.70 -33.36
N PHE A 35 14.24 -12.16 -33.49
CA PHE A 35 15.12 -12.61 -34.57
C PHE A 35 15.49 -14.09 -34.41
N MET A 36 15.69 -14.53 -33.17
CA MET A 36 15.95 -15.93 -32.90
C MET A 36 14.83 -16.82 -33.40
N LEU A 37 13.58 -16.46 -33.07
CA LEU A 37 12.45 -17.24 -33.52
C LEU A 37 12.34 -17.22 -35.04
N PHE A 38 12.51 -16.04 -35.65
CA PHE A 38 12.47 -15.93 -37.10
C PHE A 38 13.46 -16.90 -37.74
N PHE A 39 14.72 -16.87 -37.32
CA PHE A 39 15.73 -17.67 -38.02
C PHE A 39 15.59 -19.16 -37.69
N VAL A 40 15.26 -19.49 -36.44
CA VAL A 40 15.14 -20.90 -36.09
C VAL A 40 13.94 -21.53 -36.79
N MET A 41 12.84 -20.78 -36.95
CA MET A 41 11.71 -21.33 -37.68
C MET A 41 11.94 -21.32 -39.19
N LEU A 42 12.75 -20.39 -39.71
CA LEU A 42 13.15 -20.49 -41.10
C LEU A 42 13.95 -21.77 -41.33
N SER A 43 14.81 -22.13 -40.38
CA SER A 43 15.49 -23.41 -40.45
C SER A 43 14.52 -24.58 -40.34
N LEU A 44 13.53 -24.45 -39.44
CA LEU A 44 12.66 -25.57 -39.12
C LEU A 44 11.63 -25.85 -40.20
N GLY A 45 11.25 -24.84 -40.99
CA GLY A 45 10.24 -25.01 -42.00
C GLY A 45 10.63 -25.90 -43.15
N CYS A 46 11.87 -26.38 -43.17
CA CYS A 46 12.34 -27.28 -44.22
C CYS A 46 11.96 -28.73 -43.96
N THR A 47 11.38 -29.06 -42.81
CA THR A 47 11.13 -30.45 -42.46
C THR A 47 9.69 -30.89 -42.68
N MET A 48 8.86 -30.07 -43.32
CA MET A 48 7.46 -30.42 -43.53
C MET A 48 7.03 -30.03 -44.93
N GLU A 49 5.87 -30.53 -45.33
CA GLU A 49 5.29 -30.29 -46.64
C GLU A 49 3.83 -29.90 -46.47
N PHE A 50 3.32 -29.09 -47.40
CA PHE A 50 1.96 -28.57 -47.28
C PHE A 50 0.93 -29.69 -47.35
N SER A 51 1.20 -30.72 -48.17
CA SER A 51 0.25 -31.83 -48.30
C SER A 51 0.03 -32.54 -46.98
N LYS A 52 1.10 -32.78 -46.22
CA LYS A 52 0.97 -33.43 -44.93
C LYS A 52 0.25 -32.53 -43.92
N ILE A 53 0.49 -31.21 -44.00
CA ILE A 53 -0.24 -30.28 -43.14
C ILE A 53 -1.73 -30.39 -43.39
N LYS A 54 -2.13 -30.40 -44.67
CA LYS A 54 -3.54 -30.53 -45.00
C LYS A 54 -4.10 -31.86 -44.52
N ALA A 55 -3.36 -32.95 -44.75
CA ALA A 55 -3.84 -34.26 -44.35
C ALA A 55 -4.03 -34.36 -42.84
N HIS A 56 -3.11 -33.77 -42.07
CA HIS A 56 -3.21 -33.87 -40.62
C HIS A 56 -4.29 -32.94 -40.08
N LEU A 57 -4.47 -31.77 -40.71
CA LEU A 57 -5.53 -30.87 -40.28
C LEU A 57 -6.90 -31.49 -40.52
N TRP A 58 -7.08 -32.13 -41.67
CA TRP A 58 -8.31 -32.89 -41.88
C TRP A 58 -8.30 -34.14 -41.00
N LYS A 59 -9.49 -34.62 -40.67
CA LYS A 59 -9.66 -35.71 -39.71
C LYS A 59 -8.93 -35.37 -38.42
N PRO A 60 -9.44 -34.41 -37.63
CA PRO A 60 -8.70 -33.96 -36.44
C PRO A 60 -8.72 -34.95 -35.29
N LYS A 61 -7.79 -35.91 -35.29
CA LYS A 61 -7.63 -36.82 -34.15
C LYS A 61 -6.54 -36.35 -33.21
N GLY A 62 -5.32 -36.16 -33.72
CA GLY A 62 -4.23 -35.70 -32.86
C GLY A 62 -4.45 -34.29 -32.35
N LEU A 63 -4.97 -33.40 -33.22
CA LEU A 63 -5.18 -32.02 -32.82
C LEU A 63 -6.24 -31.92 -31.73
N ALA A 64 -7.31 -32.70 -31.82
CA ALA A 64 -8.34 -32.68 -30.79
C ALA A 64 -7.77 -33.11 -29.44
N ILE A 65 -6.95 -34.17 -29.43
CA ILE A 65 -6.35 -34.63 -28.18
C ILE A 65 -5.42 -33.57 -27.62
N ALA A 66 -4.62 -32.93 -28.47
CA ALA A 66 -3.70 -31.91 -27.98
C ALA A 66 -4.46 -30.73 -27.38
N LEU A 67 -5.52 -30.28 -28.04
CA LEU A 67 -6.29 -29.16 -27.52
C LEU A 67 -6.99 -29.53 -26.21
N VAL A 68 -7.58 -30.73 -26.14
CA VAL A 68 -8.24 -31.16 -24.91
C VAL A 68 -7.24 -31.22 -23.77
N ALA A 69 -6.05 -31.78 -24.03
CA ALA A 69 -5.00 -31.79 -23.01
C ALA A 69 -4.67 -30.37 -22.56
N GLN A 70 -4.20 -29.54 -23.48
CA GLN A 70 -3.69 -28.22 -23.10
C GLN A 70 -4.76 -27.33 -22.47
N TYR A 71 -6.04 -27.59 -22.68
CA TYR A 71 -7.07 -26.74 -22.10
C TYR A 71 -7.95 -27.41 -21.08
N GLY A 72 -7.68 -28.66 -20.72
CA GLY A 72 -8.44 -29.27 -19.65
C GLY A 72 -7.61 -29.89 -18.56
N ILE A 73 -6.33 -30.17 -18.82
CA ILE A 73 -5.48 -30.81 -17.84
C ILE A 73 -4.32 -29.93 -17.41
N MET A 74 -3.91 -28.96 -18.21
CA MET A 74 -2.85 -28.09 -17.72
C MET A 74 -3.42 -26.99 -16.82
N PRO A 75 -4.49 -26.27 -17.23
CA PRO A 75 -5.11 -25.34 -16.27
C PRO A 75 -5.67 -26.01 -15.03
N LEU A 76 -6.24 -27.21 -15.16
CA LEU A 76 -6.72 -27.91 -13.97
C LEU A 76 -5.57 -28.29 -13.06
N THR A 77 -4.44 -28.68 -13.64
CA THR A 77 -3.25 -28.94 -12.83
C THR A 77 -2.79 -27.67 -12.12
N ALA A 78 -2.82 -26.53 -12.82
CA ALA A 78 -2.48 -25.27 -12.18
C ALA A 78 -3.39 -25.00 -10.99
N PHE A 79 -4.69 -25.17 -11.18
CA PHE A 79 -5.67 -24.91 -10.11
C PHE A 79 -5.44 -25.82 -8.92
N VAL A 80 -5.35 -27.13 -9.16
CA VAL A 80 -5.20 -28.08 -8.05
C VAL A 80 -3.87 -27.88 -7.34
N LEU A 81 -2.80 -27.66 -8.10
CA LEU A 81 -1.49 -27.50 -7.50
C LEU A 81 -1.42 -26.22 -6.67
N GLY A 82 -2.00 -25.13 -7.17
CA GLY A 82 -2.04 -23.90 -6.39
C GLY A 82 -2.87 -24.04 -5.13
N LYS A 83 -3.98 -24.79 -5.21
CA LYS A 83 -4.79 -25.01 -4.01
C LYS A 83 -4.05 -25.86 -3.00
N VAL A 84 -3.30 -26.87 -3.47
CA VAL A 84 -2.71 -27.84 -2.55
C VAL A 84 -1.36 -27.41 -2.00
N PHE A 85 -0.67 -26.48 -2.66
CA PHE A 85 0.60 -25.99 -2.15
C PHE A 85 0.43 -24.79 -1.21
N GLN A 86 -0.81 -24.38 -0.94
CA GLN A 86 -1.10 -23.25 -0.07
C GLN A 86 -0.42 -21.98 -0.56
N LEU A 87 -0.82 -21.55 -1.76
CA LEU A 87 -0.27 -20.34 -2.37
C LEU A 87 -1.17 -19.14 -2.08
N ASN A 88 -0.61 -17.96 -2.30
CA ASN A 88 -1.35 -16.71 -2.12
C ASN A 88 -2.43 -16.59 -3.19
N ASN A 89 -3.12 -15.45 -3.18
CA ASN A 89 -4.04 -15.16 -4.27
C ASN A 89 -3.29 -14.74 -5.53
N ILE A 90 -2.28 -13.89 -5.39
CA ILE A 90 -1.52 -13.42 -6.54
C ILE A 90 -0.66 -14.54 -7.13
N GLU A 91 -0.03 -15.35 -6.27
CA GLU A 91 0.78 -16.46 -6.78
C GLU A 91 -0.09 -17.49 -7.49
N ALA A 92 -1.26 -17.80 -6.92
CA ALA A 92 -2.18 -18.70 -7.60
C ALA A 92 -2.64 -18.11 -8.92
N LEU A 93 -2.86 -16.80 -8.95
CA LEU A 93 -3.24 -16.15 -10.21
C LEU A 93 -2.14 -16.28 -11.25
N ALA A 94 -0.88 -16.10 -10.84
CA ALA A 94 0.23 -16.24 -11.78
C ALA A 94 0.33 -17.67 -12.31
N ILE A 95 0.18 -18.65 -11.44
CA ILE A 95 0.22 -20.05 -11.87
C ILE A 95 -0.92 -20.33 -12.85
N LEU A 96 -2.12 -19.83 -12.55
CA LEU A 96 -3.25 -20.05 -13.43
C LEU A 96 -3.04 -19.40 -14.79
N VAL A 97 -2.48 -18.18 -14.80
CA VAL A 97 -2.26 -17.49 -16.06
C VAL A 97 -1.21 -18.20 -16.90
N CYS A 98 -0.17 -18.72 -16.27
CA CYS A 98 0.81 -19.51 -17.01
C CYS A 98 0.17 -20.81 -17.52
N GLY A 99 -0.73 -21.40 -16.74
CA GLY A 99 -1.39 -22.62 -17.16
C GLY A 99 -2.30 -22.43 -18.36
N CYS A 100 -3.11 -21.36 -18.35
CA CYS A 100 -4.07 -21.13 -19.42
C CYS A 100 -3.43 -20.63 -20.70
N SER A 101 -2.15 -20.29 -20.68
CA SER A 101 -1.50 -19.69 -21.84
C SER A 101 -1.42 -20.68 -23.00
N PRO A 102 -1.47 -20.20 -24.24
CA PRO A 102 -1.41 -21.10 -25.39
C PRO A 102 -0.07 -21.79 -25.50
N GLY A 103 -0.07 -22.87 -26.29
CA GLY A 103 1.14 -23.63 -26.53
C GLY A 103 2.26 -22.80 -27.11
N GLY A 104 3.44 -22.89 -26.51
CA GLY A 104 4.56 -22.08 -26.94
C GLY A 104 5.18 -22.58 -28.22
N ASN A 105 6.01 -21.71 -28.80
CA ASN A 105 6.76 -22.05 -30.00
C ASN A 105 8.02 -22.86 -29.70
N LEU A 106 8.30 -23.10 -28.42
CA LEU A 106 9.41 -23.96 -28.05
C LEU A 106 9.17 -25.40 -28.47
N SER A 107 7.90 -25.83 -28.49
CA SER A 107 7.58 -27.19 -28.86
C SER A 107 7.99 -27.51 -30.28
N ASN A 108 7.93 -26.53 -31.18
CA ASN A 108 8.35 -26.74 -32.56
C ASN A 108 9.82 -27.16 -32.63
N VAL A 109 10.67 -26.45 -31.90
CA VAL A 109 12.09 -26.81 -31.88
C VAL A 109 12.31 -28.13 -31.15
N PHE A 110 11.62 -28.33 -30.04
CA PHE A 110 11.85 -29.51 -29.23
C PHE A 110 11.46 -30.79 -29.95
N SER A 111 10.31 -30.79 -30.65
CA SER A 111 9.81 -32.02 -31.24
C SER A 111 10.74 -32.56 -32.30
N LEU A 112 11.61 -31.72 -32.88
CA LEU A 112 12.59 -32.22 -33.83
C LEU A 112 13.64 -33.07 -33.14
N ALA A 113 13.88 -32.81 -31.85
CA ALA A 113 14.94 -33.52 -31.14
C ALA A 113 14.58 -34.97 -30.84
N MET A 114 13.30 -35.37 -30.95
CA MET A 114 12.94 -36.77 -30.81
C MET A 114 12.20 -37.30 -32.05
N LYS A 115 12.40 -36.65 -33.20
CA LYS A 115 11.82 -37.11 -34.46
C LYS A 115 10.29 -37.22 -34.37
N GLY A 116 9.67 -36.22 -33.75
CA GLY A 116 8.23 -36.15 -33.73
C GLY A 116 7.66 -35.71 -35.06
N ASP A 117 6.36 -35.85 -35.20
CA ASP A 117 5.70 -35.47 -36.45
C ASP A 117 5.67 -33.95 -36.52
N MET A 118 6.71 -33.37 -37.11
CA MET A 118 6.77 -31.92 -37.26
C MET A 118 5.64 -31.39 -38.12
N ASN A 119 5.14 -32.18 -39.07
CA ASN A 119 4.01 -31.78 -39.88
C ASN A 119 2.74 -31.63 -39.07
N LEU A 120 2.76 -31.97 -37.78
CA LEU A 120 1.61 -31.81 -36.91
C LEU A 120 1.84 -30.86 -35.75
N SER A 121 3.11 -30.66 -35.35
CA SER A 121 3.39 -29.70 -34.29
C SER A 121 3.02 -28.29 -34.70
N ILE A 122 3.23 -27.95 -35.98
CA ILE A 122 2.84 -26.64 -36.47
C ILE A 122 1.32 -26.48 -36.38
N VAL A 123 0.58 -27.51 -36.75
CA VAL A 123 -0.87 -27.47 -36.64
C VAL A 123 -1.29 -27.28 -35.20
N MET A 124 -0.65 -28.01 -34.28
CA MET A 124 -0.96 -27.87 -32.86
C MET A 124 -0.73 -26.43 -32.40
N THR A 125 0.43 -25.87 -32.72
CA THR A 125 0.76 -24.54 -32.23
C THR A 125 -0.20 -23.49 -32.79
N THR A 126 -0.49 -23.55 -34.09
CA THR A 126 -1.37 -22.57 -34.71
C THR A 126 -2.79 -22.67 -34.14
N CYS A 127 -3.34 -23.88 -34.10
CA CYS A 127 -4.70 -24.03 -33.59
C CYS A 127 -4.78 -23.72 -32.10
N SER A 128 -3.71 -24.02 -31.36
CA SER A 128 -3.69 -23.70 -29.94
C SER A 128 -3.69 -22.19 -29.72
N THR A 129 -2.91 -21.45 -30.49
CA THR A 129 -2.92 -19.99 -30.38
C THR A 129 -4.30 -19.43 -30.75
N PHE A 130 -4.87 -19.90 -31.86
CA PHE A 130 -6.16 -19.38 -32.30
C PHE A 130 -7.26 -19.69 -31.29
N CYS A 131 -7.25 -20.90 -30.72
CA CYS A 131 -8.25 -21.24 -29.72
C CYS A 131 -8.01 -20.51 -28.41
N ALA A 132 -6.76 -20.24 -28.05
CA ALA A 132 -6.49 -19.45 -26.86
C ALA A 132 -7.07 -18.06 -26.98
N LEU A 133 -6.91 -17.45 -28.17
CA LEU A 133 -7.43 -16.11 -28.41
C LEU A 133 -8.88 -15.94 -27.95
N GLY A 134 -9.64 -17.03 -27.90
CA GLY A 134 -11.03 -16.95 -27.48
C GLY A 134 -11.39 -17.80 -26.28
N MET A 135 -10.45 -18.62 -25.81
CA MET A 135 -10.69 -19.47 -24.64
C MET A 135 -9.97 -19.02 -23.38
N MET A 136 -8.85 -18.32 -23.51
CA MET A 136 -8.14 -17.84 -22.33
C MET A 136 -9.03 -16.99 -21.42
N PRO A 137 -9.78 -16.00 -21.92
CA PRO A 137 -10.73 -15.33 -21.02
C PRO A 137 -11.75 -16.27 -20.42
N LEU A 138 -12.22 -17.26 -21.17
CA LEU A 138 -13.24 -18.17 -20.65
C LEU A 138 -12.70 -19.00 -19.49
N LEU A 139 -11.52 -19.61 -19.68
CA LEU A 139 -10.94 -20.39 -18.60
C LEU A 139 -10.56 -19.51 -17.41
N LEU A 140 -10.05 -18.30 -17.68
CA LEU A 140 -9.69 -17.41 -16.60
C LEU A 140 -10.91 -17.04 -15.76
N TYR A 141 -12.03 -16.73 -16.43
CA TYR A 141 -13.24 -16.40 -15.69
C TYR A 141 -13.80 -17.62 -14.97
N LEU A 142 -13.66 -18.81 -15.54
CA LEU A 142 -14.19 -20.01 -14.89
C LEU A 142 -13.35 -20.42 -13.69
N TYR A 143 -12.07 -20.11 -13.68
CA TYR A 143 -11.16 -20.61 -12.65
C TYR A 143 -10.84 -19.58 -11.57
N THR A 144 -10.65 -18.31 -11.92
CA THR A 144 -10.22 -17.31 -10.95
C THR A 144 -11.35 -16.83 -10.04
N ARG A 145 -12.49 -17.50 -10.01
CA ARG A 145 -13.52 -17.14 -9.06
C ARG A 145 -13.06 -17.43 -7.64
N GLY A 146 -13.16 -16.44 -6.77
CA GLY A 146 -12.65 -16.55 -5.42
C GLY A 146 -11.21 -16.16 -5.25
N ILE A 147 -10.49 -15.89 -6.34
CA ILE A 147 -9.10 -15.47 -6.26
C ILE A 147 -8.97 -14.02 -6.73
N TYR A 148 -9.86 -13.60 -7.60
CA TYR A 148 -9.82 -12.25 -8.15
C TYR A 148 -11.21 -11.62 -8.06
N ASP A 149 -11.28 -10.43 -7.48
CA ASP A 149 -12.56 -9.76 -7.26
C ASP A 149 -13.18 -9.27 -8.56
N GLY A 150 -12.38 -8.70 -9.46
CA GLY A 150 -12.88 -8.21 -10.72
C GLY A 150 -12.94 -9.27 -11.79
N ASP A 151 -12.67 -8.89 -13.04
CA ASP A 151 -12.73 -9.82 -14.17
C ASP A 151 -11.43 -9.76 -14.94
N LEU A 152 -11.07 -10.90 -15.53
CA LEU A 152 -9.86 -11.01 -16.35
C LEU A 152 -10.17 -11.08 -17.84
N LYS A 153 -11.44 -10.98 -18.23
CA LYS A 153 -11.83 -11.02 -19.63
C LYS A 153 -11.60 -9.69 -20.34
N ASP A 154 -10.88 -8.76 -19.71
CA ASP A 154 -10.61 -7.46 -20.30
C ASP A 154 -9.12 -7.14 -20.39
N LYS A 155 -8.27 -7.81 -19.61
CA LYS A 155 -6.85 -7.50 -19.58
C LYS A 155 -6.02 -8.43 -20.45
N VAL A 156 -6.63 -9.48 -21.01
CA VAL A 156 -5.91 -10.43 -21.85
C VAL A 156 -5.50 -9.74 -23.15
N PRO A 157 -4.23 -9.75 -23.51
CA PRO A 157 -3.82 -9.05 -24.74
C PRO A 157 -4.17 -9.84 -25.99
N TYR A 158 -5.23 -9.45 -26.68
CA TYR A 158 -5.62 -10.14 -27.90
C TYR A 158 -4.86 -9.66 -29.13
N GLY A 159 -4.14 -8.55 -29.02
CA GLY A 159 -3.27 -8.11 -30.08
C GLY A 159 -1.88 -8.68 -30.05
N ARG A 160 -1.59 -9.48 -29.03
CA ARG A 160 -0.30 -10.17 -28.90
C ARG A 160 -0.39 -11.65 -29.17
N ILE A 161 -1.52 -12.29 -28.83
CA ILE A 161 -1.70 -13.70 -29.13
C ILE A 161 -1.68 -13.93 -30.64
N ILE A 162 -2.39 -13.09 -31.39
CA ILE A 162 -2.42 -13.23 -32.84
C ILE A 162 -1.21 -12.62 -33.51
N LEU A 163 -0.39 -11.85 -32.79
CA LEU A 163 0.83 -11.31 -33.36
C LEU A 163 2.04 -12.21 -33.13
N SER A 164 2.04 -12.99 -32.05
CA SER A 164 3.07 -13.99 -31.84
C SER A 164 3.02 -15.12 -32.85
N LEU A 165 1.88 -15.28 -33.52
CA LEU A 165 1.73 -16.35 -34.51
C LEU A 165 2.45 -16.02 -35.80
N VAL A 166 2.64 -14.74 -36.11
CA VAL A 166 3.29 -14.36 -37.36
C VAL A 166 4.76 -14.79 -37.42
N PRO A 167 5.61 -14.52 -36.41
CA PRO A 167 7.02 -14.94 -36.50
C PRO A 167 7.20 -16.45 -36.49
N VAL A 168 6.11 -17.18 -36.43
CA VAL A 168 6.13 -18.64 -36.57
C VAL A 168 5.68 -19.07 -37.95
N LEU A 169 4.55 -18.54 -38.43
CA LEU A 169 4.04 -18.95 -39.72
C LEU A 169 4.89 -18.41 -40.87
N ILE A 170 5.32 -17.14 -40.79
CA ILE A 170 6.09 -16.57 -41.90
C ILE A 170 7.38 -17.33 -42.16
N PRO A 171 8.27 -17.57 -41.18
CA PRO A 171 9.49 -18.31 -41.49
C PRO A 171 9.21 -19.73 -41.95
N CYS A 172 8.24 -20.40 -41.34
CA CYS A 172 7.90 -21.75 -41.78
C CYS A 172 7.38 -21.74 -43.21
N THR A 173 6.52 -20.79 -43.55
CA THR A 173 5.97 -20.74 -44.90
C THR A 173 7.06 -20.48 -45.93
N ILE A 174 7.97 -19.55 -45.64
CA ILE A 174 9.05 -19.33 -46.60
C ILE A 174 9.98 -20.54 -46.67
N GLY A 175 10.13 -21.27 -45.57
CA GLY A 175 10.93 -22.49 -45.62
C GLY A 175 10.33 -23.56 -46.53
N ILE A 176 9.03 -23.81 -46.38
CA ILE A 176 8.40 -24.82 -47.25
C ILE A 176 8.38 -24.35 -48.69
N VAL A 177 8.20 -23.04 -48.92
CA VAL A 177 8.23 -22.52 -50.29
C VAL A 177 9.62 -22.70 -50.89
N LEU A 178 10.66 -22.44 -50.10
CA LEU A 178 12.03 -22.63 -50.57
C LEU A 178 12.29 -24.09 -50.91
N LYS A 179 11.85 -25.01 -50.06
CA LYS A 179 12.08 -26.42 -50.34
C LYS A 179 11.31 -26.89 -51.56
N SER A 180 10.02 -26.54 -51.65
CA SER A 180 9.17 -27.07 -52.71
C SER A 180 9.56 -26.50 -54.07
N LYS A 181 9.90 -25.21 -54.14
CA LYS A 181 10.18 -24.57 -55.41
C LYS A 181 11.65 -24.72 -55.83
N ARG A 182 12.58 -24.39 -54.92
CA ARG A 182 14.02 -24.41 -55.21
C ARG A 182 14.73 -25.27 -54.19
N PRO A 183 14.68 -26.60 -54.35
CA PRO A 183 15.38 -27.51 -53.43
C PRO A 183 16.86 -27.70 -53.78
N GLN A 184 17.54 -26.58 -54.07
CA GLN A 184 18.98 -26.59 -54.26
C GLN A 184 19.72 -25.62 -53.35
N TYR A 185 19.04 -24.63 -52.78
CA TYR A 185 19.60 -23.76 -51.74
C TYR A 185 19.40 -24.34 -50.35
N MET A 186 19.29 -25.66 -50.24
CA MET A 186 19.14 -26.31 -48.95
C MET A 186 20.33 -26.00 -48.04
N ARG A 187 21.54 -26.06 -48.58
CA ARG A 187 22.74 -25.82 -47.78
C ARG A 187 22.99 -24.31 -47.68
N TYR A 188 24.18 -23.95 -47.20
CA TYR A 188 24.63 -22.57 -47.10
C TYR A 188 23.77 -21.76 -46.14
N VAL A 189 22.49 -21.59 -46.46
CA VAL A 189 21.60 -20.82 -45.59
C VAL A 189 21.44 -21.53 -44.25
N ILE A 190 21.44 -22.86 -44.24
CA ILE A 190 21.33 -23.59 -42.99
C ILE A 190 22.54 -23.33 -42.10
N LYS A 191 23.75 -23.37 -42.68
CA LYS A 191 24.95 -23.12 -41.88
C LYS A 191 24.99 -21.68 -41.39
N GLY A 192 24.64 -20.73 -42.25
CA GLY A 192 24.61 -19.34 -41.82
C GLY A 192 23.60 -19.11 -40.69
N GLY A 193 22.41 -19.71 -40.83
CA GLY A 193 21.43 -19.60 -39.78
C GLY A 193 21.88 -20.20 -38.47
N MET A 194 22.54 -21.36 -38.53
CA MET A 194 23.05 -21.96 -37.30
C MET A 194 24.12 -21.09 -36.66
N ILE A 195 25.00 -20.49 -37.47
CA ILE A 195 26.05 -19.65 -36.92
C ILE A 195 25.46 -18.42 -36.24
N ILE A 196 24.51 -17.75 -36.93
CA ILE A 196 23.91 -16.56 -36.34
C ILE A 196 23.07 -16.94 -35.12
N ILE A 197 22.45 -18.11 -35.12
CA ILE A 197 21.69 -18.56 -33.97
C ILE A 197 22.62 -18.78 -32.78
N LEU A 198 23.78 -19.39 -33.00
CA LEU A 198 24.74 -19.57 -31.92
C LEU A 198 25.23 -18.23 -31.37
N LEU A 199 25.52 -17.29 -32.27
CA LEU A 199 26.00 -15.98 -31.82
C LEU A 199 24.94 -15.26 -31.00
N CYS A 200 23.69 -15.25 -31.47
CA CYS A 200 22.64 -14.57 -30.73
C CYS A 200 22.28 -15.31 -29.45
N SER A 201 22.44 -16.64 -29.42
CA SER A 201 22.23 -17.37 -28.18
C SER A 201 23.28 -17.00 -27.14
N VAL A 202 24.54 -16.85 -27.56
CA VAL A 202 25.57 -16.38 -26.63
C VAL A 202 25.24 -14.97 -26.15
N ALA A 203 24.77 -14.12 -27.05
CA ALA A 203 24.38 -12.76 -26.65
C ALA A 203 23.26 -12.80 -25.61
N VAL A 204 22.26 -13.66 -25.81
CA VAL A 204 21.17 -13.77 -24.86
C VAL A 204 21.66 -14.33 -23.53
N THR A 205 22.61 -15.26 -23.57
CA THR A 205 23.20 -15.76 -22.34
C THR A 205 23.86 -14.64 -21.55
N VAL A 206 24.61 -13.79 -22.23
CA VAL A 206 25.23 -12.65 -21.57
C VAL A 206 24.17 -11.72 -21.00
N LEU A 207 23.12 -11.46 -21.77
CA LEU A 207 22.06 -10.54 -21.34
C LEU A 207 21.21 -11.12 -20.21
N SER A 208 21.22 -12.44 -20.02
CA SER A 208 20.41 -13.08 -19.00
C SER A 208 21.18 -13.41 -17.73
N ALA A 209 22.49 -13.63 -17.82
CA ALA A 209 23.28 -13.89 -16.63
C ALA A 209 23.36 -12.68 -15.70
N ILE A 210 23.14 -11.48 -16.21
CA ILE A 210 23.17 -10.29 -15.35
C ILE A 210 21.87 -10.16 -14.56
N ASN A 211 20.78 -10.78 -15.03
CA ASN A 211 19.52 -10.72 -14.32
C ASN A 211 19.26 -11.97 -13.47
N VAL A 212 19.90 -13.09 -13.79
CA VAL A 212 19.78 -14.26 -12.91
C VAL A 212 20.32 -13.94 -11.52
N GLY A 213 21.33 -13.09 -11.44
CA GLY A 213 21.84 -12.70 -10.13
C GLY A 213 20.81 -11.99 -9.28
N LYS A 214 20.10 -11.02 -9.87
CA LYS A 214 19.03 -10.34 -9.13
C LYS A 214 17.88 -11.29 -8.84
N SER A 215 17.62 -12.25 -9.75
CA SER A 215 16.58 -13.24 -9.50
C SER A 215 16.90 -14.07 -8.25
N ILE A 216 18.15 -14.49 -8.11
CA ILE A 216 18.53 -15.27 -6.93
C ILE A 216 18.66 -14.40 -5.70
N MET A 217 18.97 -13.10 -5.87
CA MET A 217 18.97 -12.20 -4.72
C MET A 217 17.55 -12.01 -4.17
N PHE A 218 16.56 -11.89 -5.06
CA PHE A 218 15.19 -11.85 -4.61
C PHE A 218 14.79 -13.18 -3.98
N ALA A 219 14.11 -13.11 -2.85
CA ALA A 219 13.75 -14.31 -2.08
C ALA A 219 12.47 -14.91 -2.65
N MET A 220 12.61 -15.50 -3.83
CA MET A 220 11.51 -16.25 -4.42
C MET A 220 11.17 -17.44 -3.54
N THR A 221 9.90 -17.55 -3.17
CA THR A 221 9.49 -18.59 -2.25
C THR A 221 9.75 -19.98 -2.85
N PRO A 222 10.34 -20.90 -2.09
CA PRO A 222 10.64 -22.22 -2.65
C PRO A 222 9.41 -22.97 -3.12
N LEU A 223 8.22 -22.63 -2.61
CA LEU A 223 7.00 -23.21 -3.15
C LEU A 223 6.83 -22.85 -4.62
N LEU A 224 7.13 -21.59 -4.98
CA LEU A 224 7.02 -21.19 -6.37
C LEU A 224 8.07 -21.88 -7.24
N ILE A 225 9.28 -22.05 -6.74
CA ILE A 225 10.30 -22.78 -7.50
C ILE A 225 9.87 -24.22 -7.71
N ALA A 226 9.31 -24.85 -6.68
CA ALA A 226 8.80 -26.21 -6.83
C ALA A 226 7.67 -26.27 -7.85
N THR A 227 6.77 -25.28 -7.83
CA THR A 227 5.67 -25.26 -8.78
C THR A 227 6.17 -25.10 -10.21
N SER A 228 7.12 -24.19 -10.42
CA SER A 228 7.63 -23.99 -11.77
C SER A 228 8.43 -25.20 -12.26
N SER A 229 9.08 -25.93 -11.35
CA SER A 229 9.79 -27.13 -11.76
C SER A 229 8.85 -28.30 -12.01
N LEU A 230 7.72 -28.34 -11.30
CA LEU A 230 6.86 -29.51 -11.34
C LEU A 230 5.71 -29.37 -12.34
N MET A 231 5.40 -28.16 -12.79
CA MET A 231 4.34 -28.01 -13.80
C MET A 231 4.69 -28.65 -15.14
N PRO A 232 5.82 -28.36 -15.77
CA PRO A 232 6.11 -29.01 -17.06
C PRO A 232 6.26 -30.52 -16.97
N PHE A 233 6.76 -31.05 -15.86
CA PHE A 233 6.83 -32.51 -15.72
C PHE A 233 5.44 -33.13 -15.76
N ILE A 234 4.50 -32.56 -15.00
CA ILE A 234 3.14 -33.08 -15.02
C ILE A 234 2.53 -32.91 -16.40
N GLY A 235 2.82 -31.79 -17.07
CA GLY A 235 2.32 -31.61 -18.42
C GLY A 235 2.79 -32.70 -19.35
N PHE A 236 4.10 -32.98 -19.35
CA PHE A 236 4.64 -34.02 -20.22
C PHE A 236 4.03 -35.37 -19.91
N LEU A 237 3.99 -35.74 -18.63
CA LEU A 237 3.51 -37.08 -18.28
C LEU A 237 2.03 -37.24 -18.57
N LEU A 238 1.23 -36.21 -18.30
CA LEU A 238 -0.20 -36.31 -18.60
C LEU A 238 -0.44 -36.34 -20.09
N GLY A 239 0.36 -35.62 -20.88
CA GLY A 239 0.23 -35.72 -22.32
C GLY A 239 0.56 -37.11 -22.82
N TYR A 240 1.63 -37.71 -22.31
CA TYR A 240 1.98 -39.07 -22.72
C TYR A 240 0.88 -40.06 -22.34
N VAL A 241 0.34 -39.94 -21.13
CA VAL A 241 -0.73 -40.84 -20.69
C VAL A 241 -1.97 -40.67 -21.56
N LEU A 242 -2.34 -39.42 -21.85
CA LEU A 242 -3.51 -39.17 -22.69
C LEU A 242 -3.31 -39.74 -24.09
N SER A 243 -2.11 -39.57 -24.66
CA SER A 243 -1.84 -40.16 -25.96
C SER A 243 -1.93 -41.67 -25.91
N ALA A 244 -1.40 -42.29 -24.85
CA ALA A 244 -1.46 -43.73 -24.72
C ALA A 244 -2.89 -44.23 -24.59
N LEU A 245 -3.77 -43.42 -23.99
CA LEU A 245 -5.15 -43.87 -23.81
C LEU A 245 -5.86 -44.03 -25.15
N PHE A 246 -5.60 -43.14 -26.10
CA PHE A 246 -6.24 -43.19 -27.41
C PHE A 246 -5.42 -43.89 -28.47
N CYS A 247 -4.25 -44.44 -28.11
CA CYS A 247 -3.45 -45.30 -28.98
C CYS A 247 -3.05 -44.57 -30.26
N LEU A 248 -2.27 -43.50 -30.09
CA LEU A 248 -1.77 -42.75 -31.23
C LEU A 248 -0.58 -43.48 -31.84
N ASN A 249 0.08 -42.84 -32.80
CA ASN A 249 1.22 -43.43 -33.49
C ASN A 249 2.47 -43.32 -32.62
N GLY A 250 3.64 -43.55 -33.21
CA GLY A 250 4.89 -43.42 -32.50
C GLY A 250 5.34 -41.98 -32.36
N ARG A 251 5.54 -41.30 -33.49
CA ARG A 251 6.02 -39.93 -33.45
C ARG A 251 4.94 -38.97 -32.95
N CYS A 252 3.69 -39.21 -33.34
CA CYS A 252 2.60 -38.35 -32.89
C CYS A 252 2.45 -38.37 -31.37
N ARG A 253 2.77 -39.50 -30.75
CA ARG A 253 2.67 -39.61 -29.30
C ARG A 253 3.62 -38.63 -28.62
N ARG A 254 4.89 -38.65 -29.01
CA ARG A 254 5.85 -37.70 -28.45
C ARG A 254 5.47 -36.28 -28.80
N THR A 255 4.97 -36.06 -30.02
CA THR A 255 4.64 -34.69 -30.43
C THR A 255 3.54 -34.11 -29.54
N VAL A 256 2.49 -34.88 -29.26
CA VAL A 256 1.45 -34.37 -28.37
C VAL A 256 1.95 -34.28 -26.94
N SER A 257 2.71 -35.29 -26.49
CA SER A 257 3.18 -35.32 -25.09
C SER A 257 4.18 -34.23 -24.80
N MET A 258 4.76 -33.60 -25.81
CA MET A 258 5.64 -32.46 -25.58
C MET A 258 5.06 -31.14 -26.06
N GLU A 259 4.02 -31.15 -26.89
CA GLU A 259 3.28 -29.93 -27.14
C GLU A 259 2.47 -29.53 -25.92
N THR A 260 1.83 -30.51 -25.26
CA THR A 260 0.98 -30.21 -24.13
C THR A 260 1.75 -29.72 -22.91
N GLY A 261 3.08 -29.76 -22.94
CA GLY A 261 3.87 -29.33 -21.81
C GLY A 261 4.58 -28.01 -21.98
N CYS A 262 4.87 -27.63 -23.22
CA CYS A 262 5.49 -26.33 -23.49
C CYS A 262 4.44 -25.24 -23.54
N GLN A 263 4.74 -24.11 -22.87
CA GLN A 263 3.78 -23.03 -22.73
C GLN A 263 4.42 -21.70 -23.09
N ASN A 264 3.58 -20.75 -23.52
CA ASN A 264 4.02 -19.41 -23.88
C ASN A 264 3.77 -18.51 -22.67
N VAL A 265 4.81 -18.36 -21.84
CA VAL A 265 4.67 -17.64 -20.58
C VAL A 265 5.02 -16.16 -20.74
N GLN A 266 5.09 -15.66 -21.96
CA GLN A 266 5.30 -14.23 -22.16
C GLN A 266 4.01 -13.44 -22.03
N LEU A 267 2.88 -14.11 -21.83
CA LEU A 267 1.62 -13.43 -21.55
C LEU A 267 1.37 -13.23 -20.06
N CYS A 268 1.97 -14.07 -19.22
CA CYS A 268 1.79 -13.96 -17.78
C CYS A 268 2.32 -12.64 -17.27
N SER A 269 3.49 -12.21 -17.75
CA SER A 269 4.05 -10.94 -17.31
C SER A 269 3.13 -9.78 -17.67
N THR A 270 2.60 -9.78 -18.90
CA THR A 270 1.71 -8.70 -19.32
C THR A 270 0.44 -8.68 -18.49
N ILE A 271 -0.16 -9.85 -18.27
CA ILE A 271 -1.41 -9.91 -17.49
C ILE A 271 -1.17 -9.41 -16.08
N LEU A 272 -0.08 -9.88 -15.44
CA LEU A 272 0.19 -9.47 -14.07
C LEU A 272 0.50 -7.98 -13.98
N ASN A 273 1.27 -7.45 -14.93
CA ASN A 273 1.59 -6.03 -14.89
C ASN A 273 0.34 -5.17 -15.08
N VAL A 274 -0.56 -5.59 -15.97
CA VAL A 274 -1.77 -4.81 -16.20
C VAL A 274 -2.71 -4.89 -15.01
N ALA A 275 -2.89 -6.09 -14.45
CA ALA A 275 -3.89 -6.28 -13.40
C ALA A 275 -3.44 -5.76 -12.04
N PHE A 276 -2.16 -5.85 -11.73
CA PHE A 276 -1.68 -5.57 -10.38
C PHE A 276 -0.54 -4.56 -10.40
N PRO A 277 -0.32 -3.85 -9.31
CA PRO A 277 0.77 -2.86 -9.26
C PRO A 277 2.11 -3.56 -9.33
N PRO A 278 3.18 -2.84 -9.69
CA PRO A 278 4.49 -3.48 -9.78
C PRO A 278 5.01 -4.01 -8.47
N GLU A 279 4.50 -3.52 -7.33
CA GLU A 279 4.99 -3.96 -6.03
C GLU A 279 4.25 -5.18 -5.49
N VAL A 280 3.02 -5.43 -5.94
CA VAL A 280 2.30 -6.62 -5.49
C VAL A 280 2.91 -7.87 -6.10
N ILE A 281 3.23 -7.83 -7.39
CA ILE A 281 3.83 -9.01 -8.03
C ILE A 281 5.19 -9.32 -7.43
N GLY A 282 6.03 -8.29 -7.25
CA GLY A 282 7.30 -8.43 -6.57
C GLY A 282 8.22 -9.42 -7.26
N PRO A 283 8.56 -10.51 -6.55
CA PRO A 283 9.44 -11.53 -7.14
C PRO A 283 8.83 -12.24 -8.33
N LEU A 284 7.51 -12.21 -8.50
CA LEU A 284 6.86 -12.93 -9.59
C LEU A 284 7.20 -12.34 -10.96
N PHE A 285 7.83 -11.16 -11.00
CA PHE A 285 8.26 -10.59 -12.27
C PHE A 285 9.30 -11.47 -12.94
N PHE A 286 10.06 -12.23 -12.16
CA PHE A 286 11.06 -13.16 -12.70
C PHE A 286 10.51 -14.55 -12.91
N PHE A 287 9.21 -14.77 -12.68
CA PHE A 287 8.65 -16.11 -12.86
C PHE A 287 8.76 -16.64 -14.29
N PRO A 288 8.47 -15.87 -15.34
CA PRO A 288 8.62 -16.43 -16.70
C PRO A 288 10.03 -16.91 -17.01
N LEU A 289 11.06 -16.22 -16.53
CA LEU A 289 12.43 -16.71 -16.74
C LEU A 289 12.64 -18.05 -16.05
N LEU A 290 12.12 -18.20 -14.84
CA LEU A 290 12.24 -19.46 -14.13
C LEU A 290 11.50 -20.57 -14.86
N TYR A 291 10.30 -20.27 -15.36
CA TYR A 291 9.55 -21.26 -16.13
C TYR A 291 10.32 -21.69 -17.37
N MET A 292 10.90 -20.72 -18.09
CA MET A 292 11.69 -21.08 -19.27
C MET A 292 12.89 -21.93 -18.92
N ILE A 293 13.62 -21.59 -17.85
CA ILE A 293 14.83 -22.36 -17.58
C ILE A 293 14.48 -23.78 -17.13
N PHE A 294 13.43 -23.94 -16.31
CA PHE A 294 13.06 -25.28 -15.89
C PHE A 294 12.47 -26.08 -17.05
N GLN A 295 11.72 -25.42 -17.92
CA GLN A 295 11.17 -26.07 -19.11
C GLN A 295 12.29 -26.55 -20.03
N LEU A 296 13.29 -25.70 -20.25
CA LEU A 296 14.45 -26.11 -21.04
C LEU A 296 15.17 -27.28 -20.41
N GLY A 297 15.40 -27.22 -19.10
CA GLY A 297 16.12 -28.30 -18.44
C GLY A 297 15.41 -29.63 -18.57
N GLU A 298 14.10 -29.64 -18.30
CA GLU A 298 13.36 -30.88 -18.37
C GLU A 298 13.25 -31.39 -19.81
N GLY A 299 13.05 -30.48 -20.76
CA GLY A 299 13.01 -30.90 -22.16
C GLY A 299 14.32 -31.51 -22.62
N LEU A 300 15.44 -30.88 -22.26
CA LEU A 300 16.75 -31.42 -22.65
C LEU A 300 17.02 -32.76 -21.97
N LEU A 301 16.62 -32.90 -20.71
CA LEU A 301 16.80 -34.17 -20.03
C LEU A 301 16.01 -35.27 -20.73
N LEU A 302 14.76 -34.99 -21.09
CA LEU A 302 13.96 -35.98 -21.81
C LEU A 302 14.56 -36.29 -23.17
N ILE A 303 15.10 -35.27 -23.85
CA ILE A 303 15.70 -35.48 -25.16
C ILE A 303 16.91 -36.41 -25.05
N ALA A 304 17.76 -36.16 -24.06
CA ALA A 304 18.93 -37.01 -23.86
C ALA A 304 18.51 -38.43 -23.51
N MET A 305 17.51 -38.58 -22.63
CA MET A 305 17.04 -39.92 -22.28
C MET A 305 16.52 -40.66 -23.51
N PHE A 306 15.71 -39.98 -24.33
CA PHE A 306 15.13 -40.65 -25.49
C PHE A 306 16.19 -40.99 -26.53
N ARG A 307 17.16 -40.10 -26.74
CA ARG A 307 18.22 -40.41 -27.70
C ARG A 307 19.08 -41.57 -27.22
N CYS A 308 19.33 -41.65 -25.90
CA CYS A 308 20.04 -42.80 -25.36
C CYS A 308 19.23 -44.07 -25.55
N TYR A 309 17.91 -43.99 -25.36
CA TYR A 309 17.04 -45.14 -25.61
C TYR A 309 17.12 -45.58 -27.08
N GLU A 310 17.14 -44.62 -27.99
CA GLU A 310 17.21 -44.94 -29.41
C GLU A 310 18.56 -45.54 -29.79
N LYS A 311 19.63 -45.10 -29.13
CA LYS A 311 20.95 -45.66 -29.42
C LYS A 311 21.01 -47.14 -29.06
N PHE A 312 20.45 -47.51 -27.92
CA PHE A 312 20.44 -48.91 -27.50
C PHE A 312 19.37 -49.71 -28.24
N GLU B 1 11.43 16.94 -9.06
CA GLU B 1 10.62 16.83 -7.86
C GLU B 1 9.23 16.29 -8.16
N VAL B 2 8.69 15.49 -7.25
CA VAL B 2 7.35 14.92 -7.37
C VAL B 2 6.49 15.53 -6.28
N GLN B 3 5.34 16.07 -6.66
CA GLN B 3 4.45 16.73 -5.72
C GLN B 3 3.02 16.29 -6.00
N LEU B 4 2.30 15.91 -4.94
CA LEU B 4 0.90 15.54 -5.03
C LEU B 4 0.09 16.53 -4.20
N GLN B 5 -0.81 17.27 -4.83
CA GLN B 5 -1.53 18.34 -4.19
C GLN B 5 -2.95 17.89 -3.87
N GLN B 6 -3.38 18.11 -2.64
CA GLN B 6 -4.71 17.77 -2.19
C GLN B 6 -5.34 18.93 -1.44
N PRO B 7 -6.65 19.07 -1.52
CA PRO B 7 -7.31 20.16 -0.79
C PRO B 7 -7.14 20.01 0.71
N GLY B 8 -7.06 21.14 1.40
CA GLY B 8 -6.82 21.12 2.83
C GLY B 8 -7.93 20.43 3.60
N ALA B 9 -9.18 20.77 3.29
CA ALA B 9 -10.31 20.18 3.98
C ALA B 9 -11.55 20.31 3.11
N GLU B 10 -12.52 19.43 3.38
CA GLU B 10 -13.81 19.46 2.71
C GLU B 10 -14.91 19.37 3.75
N LEU B 11 -15.95 20.17 3.56
CA LEU B 11 -17.09 20.19 4.47
C LEU B 11 -18.33 19.67 3.73
N VAL B 12 -19.02 18.71 4.35
CA VAL B 12 -20.18 18.08 3.74
C VAL B 12 -21.32 18.08 4.75
N LYS B 13 -22.46 17.59 4.30
CA LYS B 13 -23.59 17.29 5.15
C LYS B 13 -23.87 15.79 5.15
N PRO B 14 -24.40 15.23 6.23
CA PRO B 14 -24.67 13.79 6.25
C PRO B 14 -25.64 13.39 5.16
N GLY B 15 -25.37 12.25 4.53
CA GLY B 15 -26.18 11.77 3.43
C GLY B 15 -25.86 12.39 2.08
N ALA B 16 -24.86 13.25 2.01
CA ALA B 16 -24.48 13.90 0.76
C ALA B 16 -23.29 13.19 0.14
N SER B 17 -22.77 13.74 -0.96
CA SER B 17 -21.64 13.17 -1.67
C SER B 17 -20.56 14.22 -1.85
N VAL B 18 -19.31 13.78 -1.88
CA VAL B 18 -18.17 14.67 -2.00
C VAL B 18 -17.17 14.09 -2.98
N LYS B 19 -16.40 14.98 -3.62
CA LYS B 19 -15.39 14.60 -4.59
C LYS B 19 -14.03 15.05 -4.09
N LEU B 20 -13.09 14.11 -4.04
CA LEU B 20 -11.73 14.37 -3.58
C LEU B 20 -10.79 14.38 -4.78
N SER B 21 -9.95 15.41 -4.87
CA SER B 21 -9.03 15.55 -5.99
C SER B 21 -7.60 15.40 -5.49
N CYS B 22 -6.75 14.82 -6.35
CA CYS B 22 -5.34 14.63 -6.05
C CYS B 22 -4.54 15.00 -7.29
N LYS B 23 -4.21 16.28 -7.43
CA LYS B 23 -3.50 16.78 -8.60
C LYS B 23 -2.02 16.45 -8.49
N THR B 24 -1.49 15.73 -9.47
CA THR B 24 -0.10 15.30 -9.46
C THR B 24 0.66 16.01 -10.56
N SER B 25 1.86 16.49 -10.22
CA SER B 25 2.70 17.20 -11.17
C SER B 25 4.16 16.81 -10.93
N GLY B 26 4.99 17.07 -11.93
CA GLY B 26 6.40 16.76 -11.85
C GLY B 26 6.79 15.40 -12.35
N TYR B 27 5.84 14.55 -12.72
CA TYR B 27 6.14 13.23 -13.25
C TYR B 27 5.03 12.82 -14.20
N THR B 28 5.35 11.87 -15.08
CA THR B 28 4.38 11.39 -16.05
C THR B 28 3.25 10.67 -15.34
N PHE B 29 2.01 11.08 -15.61
CA PHE B 29 0.89 10.67 -14.78
C PHE B 29 0.43 9.24 -15.04
N THR B 30 0.78 8.64 -16.16
CA THR B 30 0.20 7.37 -16.59
C THR B 30 1.14 6.19 -16.41
N ASN B 31 1.93 6.16 -15.35
CA ASN B 31 2.77 5.00 -15.12
C ASN B 31 2.57 4.36 -13.75
N TYR B 32 2.41 5.16 -12.70
CA TYR B 32 2.31 4.66 -11.33
C TYR B 32 0.86 4.63 -10.88
N TRP B 33 0.49 3.56 -10.19
CA TRP B 33 -0.86 3.43 -9.65
C TRP B 33 -1.08 4.44 -8.55
N MET B 34 -2.34 4.85 -8.40
CA MET B 34 -2.73 5.84 -7.39
C MET B 34 -3.55 5.15 -6.32
N LYS B 35 -2.97 5.01 -5.12
CA LYS B 35 -3.61 4.33 -4.01
C LYS B 35 -4.18 5.35 -3.04
N TRP B 36 -5.42 5.14 -2.62
CA TRP B 36 -6.10 6.01 -1.68
C TRP B 36 -6.14 5.35 -0.31
N VAL B 37 -5.71 6.05 0.71
CA VAL B 37 -5.63 5.55 2.08
C VAL B 37 -6.45 6.46 2.97
N LYS B 38 -7.29 5.87 3.81
CA LYS B 38 -8.13 6.60 4.75
C LYS B 38 -7.60 6.40 6.16
N GLN B 39 -7.46 7.48 6.91
CA GLN B 39 -6.94 7.44 8.28
C GLN B 39 -7.97 8.04 9.22
N ARG B 40 -8.58 7.21 10.04
CA ARG B 40 -9.50 7.76 11.03
C ARG B 40 -8.76 8.04 12.32
N PRO B 41 -8.85 9.25 12.86
CA PRO B 41 -8.16 9.55 14.13
C PRO B 41 -8.67 8.66 15.26
N GLY B 42 -7.80 7.81 15.78
CA GLY B 42 -8.19 6.81 16.77
C GLY B 42 -8.07 5.38 16.29
N GLN B 43 -7.74 5.15 15.03
CA GLN B 43 -7.50 3.82 14.49
C GLN B 43 -6.30 3.87 13.56
N GLY B 44 -5.98 2.72 12.98
CA GLY B 44 -4.90 2.64 12.01
C GLY B 44 -5.36 3.03 10.63
N LEU B 45 -4.41 3.04 9.70
CA LEU B 45 -4.72 3.35 8.32
C LEU B 45 -5.56 2.24 7.70
N GLU B 46 -6.40 2.62 6.74
CA GLU B 46 -7.21 1.68 5.98
C GLU B 46 -6.99 1.93 4.50
N TRP B 47 -6.83 0.86 3.74
CA TRP B 47 -6.60 0.96 2.30
C TRP B 47 -7.93 0.97 1.58
N ILE B 48 -8.10 1.92 0.66
CA ILE B 48 -9.39 2.14 0.01
C ILE B 48 -9.41 1.51 -1.38
N GLY B 49 -8.48 1.90 -2.24
CA GLY B 49 -8.50 1.38 -3.59
C GLY B 49 -7.30 1.83 -4.38
N GLU B 50 -7.19 1.29 -5.59
CA GLU B 50 -6.14 1.63 -6.53
C GLU B 50 -6.77 2.02 -7.84
N ILE B 51 -5.97 2.63 -8.72
CA ILE B 51 -6.42 2.92 -10.07
C ILE B 51 -5.21 3.12 -10.96
N ASN B 52 -5.22 2.49 -12.14
CA ASN B 52 -4.14 2.67 -13.10
C ASN B 52 -4.54 3.77 -14.07
N PRO B 53 -3.91 4.94 -14.03
CA PRO B 53 -4.36 6.06 -14.87
C PRO B 53 -4.31 5.77 -16.36
N SER B 54 -3.35 4.97 -16.81
CA SER B 54 -3.20 4.69 -18.23
C SER B 54 -4.16 3.62 -18.74
N ASN B 55 -4.82 2.90 -17.87
CA ASN B 55 -5.69 1.81 -18.26
C ASN B 55 -7.09 1.94 -17.67
N GLY B 56 -7.22 2.47 -16.46
CA GLY B 56 -8.51 2.62 -15.82
C GLY B 56 -8.91 1.48 -14.90
N GLY B 57 -8.14 0.39 -14.87
CA GLY B 57 -8.48 -0.72 -14.01
C GLY B 57 -8.30 -0.37 -12.53
N THR B 58 -9.23 -0.82 -11.71
CA THR B 58 -9.25 -0.50 -10.29
C THR B 58 -9.42 -1.76 -9.47
N ASN B 59 -8.82 -1.75 -8.27
CA ASN B 59 -9.03 -2.77 -7.25
C ASN B 59 -9.45 -2.08 -5.97
N TYR B 60 -10.56 -2.51 -5.39
CA TYR B 60 -11.11 -1.85 -4.23
C TYR B 60 -10.91 -2.69 -2.98
N ASN B 61 -11.11 -2.05 -1.83
CA ASN B 61 -11.23 -2.78 -0.58
C ASN B 61 -12.60 -3.43 -0.51
N GLY B 62 -12.73 -4.41 0.39
CA GLY B 62 -13.98 -5.14 0.49
C GLY B 62 -15.13 -4.28 0.94
N LYS B 63 -14.91 -3.48 1.99
CA LYS B 63 -15.98 -2.69 2.58
C LYS B 63 -16.16 -1.33 1.93
N PHE B 64 -15.27 -0.92 1.03
CA PHE B 64 -15.36 0.36 0.36
C PHE B 64 -15.86 0.25 -1.07
N LYS B 65 -16.33 -0.93 -1.48
CA LYS B 65 -16.75 -1.11 -2.87
C LYS B 65 -18.02 -0.33 -3.18
N SER B 66 -18.86 -0.10 -2.17
CA SER B 66 -20.13 0.59 -2.36
C SER B 66 -20.10 2.02 -1.87
N LYS B 67 -18.92 2.57 -1.58
CA LYS B 67 -18.81 3.93 -1.06
C LYS B 67 -17.79 4.74 -1.85
N ALA B 68 -16.87 4.06 -2.51
CA ALA B 68 -15.79 4.72 -3.24
C ALA B 68 -15.94 4.47 -4.73
N SER B 69 -15.51 5.45 -5.53
CA SER B 69 -15.54 5.31 -6.99
C SER B 69 -14.38 6.12 -7.55
N LEU B 70 -13.22 5.48 -7.72
CA LEU B 70 -12.03 6.18 -8.15
C LEU B 70 -12.09 6.45 -9.65
N THR B 71 -11.70 7.66 -10.04
CA THR B 71 -11.72 8.08 -11.44
C THR B 71 -10.49 8.96 -11.69
N VAL B 72 -10.02 8.97 -12.94
CA VAL B 72 -8.86 9.76 -13.31
C VAL B 72 -9.16 10.52 -14.60
N ASP B 73 -8.39 11.57 -14.84
CA ASP B 73 -8.49 12.36 -16.07
C ASP B 73 -7.07 12.72 -16.51
N LYS B 74 -6.52 11.94 -17.43
CA LYS B 74 -5.11 12.08 -17.80
C LYS B 74 -4.80 13.45 -18.41
N SER B 75 -5.79 14.13 -18.98
CA SER B 75 -5.54 15.46 -19.53
C SER B 75 -5.13 16.44 -18.43
N SER B 76 -5.81 16.39 -17.28
CA SER B 76 -5.48 17.24 -16.15
C SER B 76 -4.57 16.55 -15.14
N SER B 77 -4.14 15.32 -15.42
CA SER B 77 -3.30 14.52 -14.51
C SER B 77 -3.92 14.38 -13.13
N THR B 78 -5.23 14.60 -13.01
CA THR B 78 -5.89 14.67 -11.72
C THR B 78 -6.59 13.36 -11.44
N ALA B 79 -6.22 12.71 -10.34
CA ALA B 79 -6.90 11.51 -9.90
C ALA B 79 -7.99 11.89 -8.90
N TYR B 80 -9.19 11.36 -9.10
CA TYR B 80 -10.35 11.75 -8.31
C TYR B 80 -10.84 10.62 -7.42
N MET B 81 -11.71 10.98 -6.50
CA MET B 81 -12.47 10.06 -5.67
C MET B 81 -13.84 10.66 -5.42
N GLN B 82 -14.85 9.80 -5.27
CA GLN B 82 -16.24 10.25 -5.10
C GLN B 82 -16.87 9.45 -3.97
N LEU B 83 -16.71 9.94 -2.75
CA LEU B 83 -17.39 9.33 -1.61
C LEU B 83 -18.89 9.61 -1.67
N SER B 84 -19.69 8.59 -1.43
CA SER B 84 -21.14 8.69 -1.62
C SER B 84 -21.87 8.34 -0.34
N SER B 85 -22.89 9.15 -0.02
CA SER B 85 -23.78 8.92 1.11
C SER B 85 -22.99 8.84 2.42
N LEU B 86 -22.37 9.96 2.76
CA LEU B 86 -21.49 10.01 3.92
C LEU B 86 -22.25 9.85 5.22
N THR B 87 -21.56 9.36 6.23
CA THR B 87 -22.12 9.09 7.56
C THR B 87 -21.22 9.73 8.60
N SER B 88 -21.71 9.78 9.84
CA SER B 88 -20.95 10.38 10.93
C SER B 88 -19.64 9.66 11.20
N GLU B 89 -19.52 8.39 10.80
CA GLU B 89 -18.30 7.63 11.01
C GLU B 89 -17.38 7.64 9.79
N ASP B 90 -17.67 8.48 8.80
CA ASP B 90 -16.79 8.66 7.65
C ASP B 90 -15.84 9.84 7.81
N SER B 91 -15.86 10.51 8.96
CA SER B 91 -14.97 11.63 9.20
C SER B 91 -13.54 11.11 9.40
N ALA B 92 -12.66 11.42 8.46
CA ALA B 92 -11.30 10.91 8.51
C ALA B 92 -10.41 11.80 7.65
N VAL B 93 -9.18 11.35 7.41
CA VAL B 93 -8.23 12.00 6.52
C VAL B 93 -7.90 11.02 5.40
N TYR B 94 -8.02 11.46 4.16
CA TYR B 94 -7.82 10.59 3.00
C TYR B 94 -6.57 11.02 2.27
N TYR B 95 -5.62 10.10 2.12
CA TYR B 95 -4.35 10.34 1.45
C TYR B 95 -4.35 9.67 0.08
N CYS B 96 -3.64 10.26 -0.87
CA CYS B 96 -3.39 9.64 -2.16
C CYS B 96 -1.91 9.34 -2.29
N THR B 97 -1.58 8.10 -2.63
CA THR B 97 -0.22 7.63 -2.60
C THR B 97 0.16 7.02 -3.94
N ILE B 98 1.40 7.23 -4.36
CA ILE B 98 2.01 6.49 -5.46
C ILE B 98 3.28 5.84 -4.92
N LEU B 99 3.55 4.62 -5.36
CA LEU B 99 4.72 3.89 -4.89
C LEU B 99 5.59 3.51 -6.08
N VAL B 100 6.87 3.86 -5.99
CA VAL B 100 7.85 3.52 -7.01
C VAL B 100 8.47 2.18 -6.64
N TYR B 101 8.44 1.23 -7.56
CA TYR B 101 8.93 -0.10 -7.27
C TYR B 101 9.46 -0.73 -8.55
N ASP B 102 10.63 -1.35 -8.46
CA ASP B 102 11.22 -2.03 -9.61
C ASP B 102 12.19 -3.09 -9.10
N ALA B 103 12.49 -4.06 -9.96
CA ALA B 103 13.33 -5.18 -9.58
C ALA B 103 14.67 -5.22 -10.30
N TYR B 104 14.85 -4.45 -11.37
CA TYR B 104 16.15 -4.43 -12.04
C TYR B 104 17.25 -3.96 -11.09
N TYR B 105 17.03 -2.82 -10.44
CA TYR B 105 17.89 -2.34 -9.35
C TYR B 105 16.96 -2.02 -8.19
N VAL B 106 17.01 -2.84 -7.15
CA VAL B 106 15.97 -2.81 -6.13
C VAL B 106 16.03 -1.52 -5.33
N PHE B 107 14.90 -0.83 -5.27
CA PHE B 107 14.72 0.41 -4.50
C PHE B 107 13.25 0.79 -4.55
N ALA B 108 12.79 1.47 -3.50
CA ALA B 108 11.41 1.90 -3.39
C ALA B 108 11.35 3.25 -2.71
N MET B 109 10.27 3.98 -2.96
CA MET B 109 10.12 5.33 -2.43
C MET B 109 8.67 5.77 -2.58
N ASP B 110 8.10 6.30 -1.50
CA ASP B 110 6.71 6.73 -1.46
C ASP B 110 6.59 8.23 -1.71
N TYR B 111 5.45 8.64 -2.25
CA TYR B 111 5.11 10.04 -2.45
C TYR B 111 3.67 10.23 -2.02
N TRP B 112 3.46 10.79 -0.84
CA TRP B 112 2.14 10.93 -0.26
C TRP B 112 1.63 12.35 -0.37
N GLY B 113 0.32 12.50 -0.49
CA GLY B 113 -0.29 13.81 -0.41
C GLY B 113 -0.43 14.29 1.01
N LEU B 114 -0.90 15.53 1.16
CA LEU B 114 -1.02 16.13 2.48
C LEU B 114 -2.30 15.73 3.20
N GLY B 115 -3.21 15.04 2.54
CA GLY B 115 -4.41 14.55 3.20
C GLY B 115 -5.56 15.54 3.20
N THR B 116 -6.74 15.08 2.81
CA THR B 116 -7.93 15.91 2.70
C THR B 116 -8.83 15.61 3.88
N SER B 117 -8.76 16.45 4.91
CA SER B 117 -9.48 16.19 6.15
C SER B 117 -10.98 16.36 5.90
N VAL B 118 -11.66 15.23 5.69
CA VAL B 118 -13.09 15.22 5.39
C VAL B 118 -13.85 14.97 6.68
N THR B 119 -14.84 15.81 6.97
CA THR B 119 -15.65 15.68 8.16
C THR B 119 -17.12 15.90 7.82
N VAL B 120 -17.99 15.29 8.61
CA VAL B 120 -19.43 15.48 8.47
C VAL B 120 -19.88 16.53 9.48
N SER B 121 -20.49 17.60 8.99
CA SER B 121 -20.79 18.76 9.83
C SER B 121 -22.16 18.65 10.48
N SER B 122 -23.21 18.60 9.66
CA SER B 122 -24.60 18.62 10.12
C SER B 122 -24.89 19.82 11.02
N ALA B 123 -24.09 20.89 10.90
CA ALA B 123 -24.28 22.07 11.71
C ALA B 123 -23.67 23.27 10.99
N LYS B 124 -24.37 24.40 11.05
CA LYS B 124 -23.91 25.59 10.35
C LYS B 124 -22.62 26.12 10.96
N THR B 125 -21.84 26.79 10.12
CA THR B 125 -20.60 27.40 10.60
C THR B 125 -20.89 28.48 11.62
N THR B 126 -20.04 28.56 12.65
CA THR B 126 -20.20 29.49 13.74
C THR B 126 -18.83 30.07 14.08
N PRO B 127 -18.68 31.39 14.22
CA PRO B 127 -17.37 31.94 14.38
C PRO B 127 -16.85 31.93 15.82
N PRO B 128 -15.53 31.98 15.99
CA PRO B 128 -14.96 31.75 17.31
C PRO B 128 -15.26 32.88 18.27
N SER B 129 -15.48 32.51 19.54
CA SER B 129 -15.79 33.45 20.61
C SER B 129 -14.68 33.30 21.65
N VAL B 130 -13.76 34.27 21.68
CA VAL B 130 -12.63 34.21 22.60
C VAL B 130 -13.08 34.58 23.99
N TYR B 131 -12.74 33.73 24.96
CA TYR B 131 -13.05 33.98 26.37
C TYR B 131 -11.74 34.19 27.11
N PRO B 132 -11.33 35.42 27.34
CA PRO B 132 -10.01 35.66 27.94
C PRO B 132 -9.91 35.11 29.35
N LEU B 133 -8.70 34.70 29.72
CA LEU B 133 -8.41 34.20 31.06
C LEU B 133 -7.27 35.00 31.65
N ALA B 134 -7.38 35.31 32.93
CA ALA B 134 -6.38 36.09 33.64
C ALA B 134 -6.00 35.39 34.94
N PRO B 135 -4.75 35.53 35.38
CA PRO B 135 -4.35 34.91 36.65
C PRO B 135 -5.09 35.51 37.83
N GLY B 136 -5.31 34.68 38.83
CA GLY B 136 -6.01 35.15 40.02
C GLY B 136 -5.22 36.22 40.75
N SER B 137 -5.93 37.25 41.22
CA SER B 137 -5.27 38.32 41.97
C SER B 137 -4.71 37.81 43.28
N ALA B 138 -5.44 36.92 43.96
CA ALA B 138 -4.96 36.35 45.21
C ALA B 138 -3.78 35.41 45.01
N ALA B 139 -3.55 34.94 43.79
CA ALA B 139 -2.44 34.05 43.51
C ALA B 139 -1.11 34.78 43.70
N GLN B 140 -0.10 34.04 44.14
CA GLN B 140 1.20 34.62 44.41
C GLN B 140 1.86 35.08 43.11
N THR B 141 2.46 36.27 43.16
CA THR B 141 3.18 36.79 42.01
C THR B 141 4.48 36.03 41.81
N ASN B 142 4.78 35.67 40.56
CA ASN B 142 5.96 34.89 40.23
C ASN B 142 6.60 35.46 38.96
N SER B 143 7.86 35.07 38.75
CA SER B 143 8.59 35.54 37.57
C SER B 143 7.91 35.12 36.28
N MET B 144 7.40 33.89 36.22
CA MET B 144 6.64 33.41 35.08
C MET B 144 5.17 33.37 35.45
N VAL B 145 4.31 33.70 34.49
CA VAL B 145 2.87 33.79 34.72
C VAL B 145 2.15 32.96 33.67
N THR B 146 1.17 32.19 34.12
CA THR B 146 0.35 31.38 33.23
C THR B 146 -0.73 32.24 32.61
N LEU B 147 -0.93 32.08 31.30
CA LEU B 147 -1.96 32.80 30.57
C LEU B 147 -2.73 31.83 29.69
N GLY B 148 -4.01 32.13 29.48
CA GLY B 148 -4.85 31.28 28.66
C GLY B 148 -5.89 32.10 27.92
N CYS B 149 -6.31 31.59 26.77
CA CYS B 149 -7.35 32.21 25.95
C CYS B 149 -8.28 31.11 25.46
N LEU B 150 -9.32 30.84 26.24
CA LEU B 150 -10.26 29.78 25.89
C LEU B 150 -11.17 30.23 24.75
N VAL B 151 -11.27 29.40 23.73
CA VAL B 151 -12.18 29.62 22.61
C VAL B 151 -13.21 28.50 22.61
N LYS B 152 -14.49 28.87 22.65
CA LYS B 152 -15.57 27.91 22.81
C LYS B 152 -16.66 28.18 21.78
N GLY B 153 -17.24 27.11 21.26
CA GLY B 153 -18.39 27.21 20.40
C GLY B 153 -18.12 27.78 19.01
N TYR B 154 -17.39 27.04 18.19
CA TYR B 154 -17.20 27.43 16.80
C TYR B 154 -17.01 26.18 15.96
N PHE B 155 -17.18 26.34 14.65
CA PHE B 155 -17.25 25.23 13.72
C PHE B 155 -16.99 25.75 12.30
N PRO B 156 -16.21 25.04 11.48
CA PRO B 156 -15.50 23.79 11.73
C PRO B 156 -13.99 23.95 11.90
N GLU B 157 -13.32 22.84 12.13
CA GLU B 157 -11.86 22.83 12.18
C GLU B 157 -11.29 23.08 10.78
N PRO B 158 -10.04 23.55 10.69
CA PRO B 158 -9.09 23.86 11.76
C PRO B 158 -9.16 25.31 12.22
N VAL B 159 -8.48 25.62 13.32
CA VAL B 159 -8.40 26.97 13.86
C VAL B 159 -6.96 27.22 14.27
N THR B 160 -6.44 28.40 13.93
CA THR B 160 -5.07 28.78 14.26
C THR B 160 -5.10 29.72 15.45
N VAL B 161 -4.37 29.37 16.50
CA VAL B 161 -4.26 30.19 17.70
C VAL B 161 -2.78 30.42 17.98
N THR B 162 -2.35 31.68 17.94
CA THR B 162 -0.99 32.06 18.26
C THR B 162 -1.00 33.13 19.34
N TRP B 163 0.18 33.66 19.66
CA TRP B 163 0.31 34.74 20.61
C TRP B 163 1.15 35.85 20.00
N ASN B 164 0.61 37.06 19.96
CA ASN B 164 1.29 38.24 19.42
C ASN B 164 1.76 37.98 17.99
N SER B 165 0.90 37.34 17.19
CA SER B 165 1.18 37.03 15.79
C SER B 165 2.48 36.25 15.63
N GLY B 166 2.66 35.24 16.48
CA GLY B 166 3.85 34.41 16.41
C GLY B 166 5.10 35.00 16.99
N SER B 167 4.99 36.09 17.76
CA SER B 167 6.16 36.70 18.36
C SER B 167 6.80 35.77 19.39
N LEU B 168 5.97 35.08 20.17
CA LEU B 168 6.44 34.17 21.22
C LEU B 168 6.45 32.75 20.70
N SER B 169 7.58 32.05 20.92
CA SER B 169 7.71 30.67 20.48
C SER B 169 8.15 29.73 21.59
N SER B 170 8.34 30.22 22.82
CA SER B 170 8.76 29.40 23.95
C SER B 170 7.63 29.32 24.96
N GLY B 171 7.26 28.10 25.33
CA GLY B 171 6.16 27.89 26.26
C GLY B 171 4.78 27.94 25.64
N VAL B 172 4.67 28.08 24.32
CA VAL B 172 3.38 28.16 23.66
C VAL B 172 2.79 26.76 23.60
N HIS B 173 1.73 26.53 24.37
CA HIS B 173 1.05 25.24 24.42
C HIS B 173 -0.38 25.42 23.92
N THR B 174 -0.76 24.64 22.92
CA THR B 174 -2.12 24.62 22.40
C THR B 174 -2.67 23.20 22.48
N PHE B 175 -3.92 23.08 22.89
CA PHE B 175 -4.50 21.78 23.13
C PHE B 175 -5.47 21.39 22.02
N PRO B 176 -5.54 20.11 21.67
CA PRO B 176 -6.52 19.68 20.66
C PRO B 176 -7.94 19.92 21.14
N ALA B 177 -8.83 20.21 20.19
CA ALA B 177 -10.22 20.52 20.47
C ALA B 177 -11.04 19.26 20.64
N VAL B 178 -12.14 19.37 21.38
CA VAL B 178 -13.05 18.28 21.63
C VAL B 178 -14.47 18.70 21.26
N LEU B 179 -15.23 17.78 20.66
CA LEU B 179 -16.56 18.10 20.16
C LEU B 179 -17.58 18.06 21.29
N GLN B 180 -18.43 19.08 21.34
CA GLN B 180 -19.48 19.15 22.35
C GLN B 180 -20.70 19.80 21.71
N SER B 181 -21.78 19.02 21.59
CA SER B 181 -23.04 19.46 20.96
C SER B 181 -22.81 20.01 19.55
N ASP B 182 -22.18 19.22 18.70
CA ASP B 182 -21.89 19.59 17.31
C ASP B 182 -21.04 20.85 17.22
N LEU B 183 -20.32 21.15 18.30
CA LEU B 183 -19.38 22.26 18.32
C LEU B 183 -18.15 21.82 19.10
N TYR B 184 -17.03 22.50 18.88
CA TYR B 184 -15.81 22.12 19.55
C TYR B 184 -15.16 23.34 20.20
N THR B 185 -14.50 23.10 21.31
CA THR B 185 -13.82 24.14 22.07
C THR B 185 -12.33 23.83 22.16
N LEU B 186 -11.52 24.87 22.19
CA LEU B 186 -10.08 24.74 22.23
C LEU B 186 -9.52 25.67 23.30
N SER B 187 -8.34 25.32 23.81
CA SER B 187 -7.67 26.12 24.83
C SER B 187 -6.20 26.24 24.47
N SER B 188 -5.56 27.26 25.02
CA SER B 188 -4.13 27.46 24.77
C SER B 188 -3.50 28.07 26.02
N SER B 189 -2.21 27.80 26.20
CA SER B 189 -1.47 28.31 27.34
C SER B 189 -0.08 28.75 26.88
N VAL B 190 0.52 29.65 27.66
CA VAL B 190 1.84 30.16 27.35
C VAL B 190 2.49 30.66 28.64
N THR B 191 3.82 30.61 28.68
CA THR B 191 4.61 31.07 29.81
C THR B 191 5.41 32.29 29.37
N VAL B 192 5.25 33.39 30.10
CA VAL B 192 5.93 34.64 29.76
C VAL B 192 6.50 35.25 31.02
N PRO B 193 7.55 36.08 30.90
CA PRO B 193 8.09 36.77 32.07
C PRO B 193 7.05 37.70 32.69
N SER B 194 7.17 37.89 34.01
CA SER B 194 6.23 38.74 34.73
C SER B 194 6.29 40.18 34.23
N SER B 195 7.49 40.66 33.90
CA SER B 195 7.64 42.05 33.47
C SER B 195 7.04 42.28 32.08
N THR B 196 7.12 41.28 31.19
CA THR B 196 6.69 41.49 29.82
C THR B 196 5.17 41.56 29.69
N TRP B 197 4.44 40.94 30.62
CA TRP B 197 2.99 40.90 30.52
C TRP B 197 2.34 42.28 30.57
N PRO B 198 2.65 43.16 31.55
CA PRO B 198 2.04 44.50 31.52
C PRO B 198 2.73 45.44 30.55
N SER B 199 4.05 45.30 30.42
CA SER B 199 4.82 46.18 29.55
C SER B 199 4.43 45.97 28.09
N GLU B 200 4.32 44.72 27.66
CA GLU B 200 3.95 44.39 26.29
C GLU B 200 2.59 43.71 26.28
N THR B 201 1.67 44.24 25.48
CA THR B 201 0.33 43.67 25.38
C THR B 201 0.39 42.32 24.68
N VAL B 202 -0.27 41.33 25.26
CA VAL B 202 -0.31 39.97 24.72
C VAL B 202 -1.71 39.71 24.18
N THR B 203 -1.81 39.53 22.87
CA THR B 203 -3.09 39.32 22.20
C THR B 203 -3.11 37.91 21.63
N CYS B 204 -4.13 37.13 22.03
CA CYS B 204 -4.27 35.75 21.56
C CYS B 204 -5.11 35.77 20.29
N ASN B 205 -4.44 36.02 19.16
CA ASN B 205 -5.15 36.08 17.89
C ASN B 205 -5.66 34.71 17.50
N VAL B 206 -6.90 34.68 17.01
CA VAL B 206 -7.56 33.44 16.60
C VAL B 206 -7.98 33.59 15.14
N ALA B 207 -7.61 32.61 14.32
CA ALA B 207 -7.93 32.60 12.90
C ALA B 207 -8.85 31.43 12.60
N HIS B 208 -9.93 31.71 11.87
CA HIS B 208 -10.90 30.70 11.45
C HIS B 208 -11.07 30.82 9.95
N PRO B 209 -10.16 30.23 9.17
CA PRO B 209 -10.24 30.36 7.70
C PRO B 209 -11.52 29.80 7.11
N ALA B 210 -12.10 28.76 7.72
CA ALA B 210 -13.32 28.18 7.18
C ALA B 210 -14.47 29.18 7.21
N SER B 211 -14.60 29.93 8.30
CA SER B 211 -15.60 30.97 8.41
C SER B 211 -15.06 32.35 8.06
N SER B 212 -13.76 32.44 7.71
CA SER B 212 -13.13 33.72 7.37
C SER B 212 -13.32 34.74 8.49
N THR B 213 -13.17 34.29 9.73
CA THR B 213 -13.31 35.13 10.91
C THR B 213 -11.98 35.22 11.63
N LYS B 214 -11.55 36.44 11.93
CA LYS B 214 -10.31 36.69 12.64
C LYS B 214 -10.60 37.65 13.79
N VAL B 215 -10.53 37.15 15.02
CA VAL B 215 -10.80 37.94 16.21
C VAL B 215 -9.54 37.97 17.06
N ASP B 216 -9.07 39.17 17.39
CA ASP B 216 -7.90 39.36 18.22
C ASP B 216 -8.31 40.03 19.53
N LYS B 217 -7.94 39.40 20.65
CA LYS B 217 -8.28 39.92 21.96
C LYS B 217 -7.04 39.86 22.85
N LYS B 218 -6.81 40.94 23.61
CA LYS B 218 -5.68 41.01 24.51
C LYS B 218 -6.03 40.39 25.86
N ILE B 219 -5.03 40.31 26.73
CA ILE B 219 -5.19 39.73 28.07
C ILE B 219 -4.96 40.83 29.10
N VAL B 220 -5.94 41.01 29.98
CA VAL B 220 -5.86 42.05 31.01
C VAL B 220 -6.19 41.43 32.38
N PRO B 221 -5.65 41.97 33.46
CA PRO B 221 -5.98 41.44 34.78
C PRO B 221 -7.43 41.74 35.16
N ARG B 222 -7.96 40.90 36.04
CA ARG B 222 -9.32 41.06 36.53
C ARG B 222 -9.38 42.24 37.49
N ASP B 223 -10.06 43.31 37.08
CA ASP B 223 -10.20 44.51 37.89
C ASP B 223 -11.66 44.68 38.28
N CYS B 224 -11.90 44.85 39.58
CA CYS B 224 -13.26 45.03 40.10
C CYS B 224 -13.29 46.09 41.19
N ASP C 1 -9.05 -11.64 4.30
CA ASP C 1 -8.34 -10.49 4.84
C ASP C 1 -7.46 -10.89 6.02
N ILE C 2 -6.30 -10.25 6.13
CA ILE C 2 -5.34 -10.52 7.19
C ILE C 2 -5.40 -9.37 8.19
N VAL C 3 -5.68 -9.68 9.45
CA VAL C 3 -5.66 -8.68 10.50
C VAL C 3 -4.29 -8.72 11.16
N MET C 4 -3.91 -7.60 11.78
CA MET C 4 -2.62 -7.46 12.42
C MET C 4 -2.81 -7.18 13.90
N THR C 5 -2.09 -7.92 14.73
CA THR C 5 -2.05 -7.68 16.16
C THR C 5 -0.66 -7.16 16.45
N GLN C 6 -0.50 -5.84 16.37
CA GLN C 6 0.78 -5.18 16.59
C GLN C 6 0.88 -4.76 18.04
N SER C 7 1.89 -5.27 18.73
CA SER C 7 2.06 -5.00 20.15
C SER C 7 3.48 -4.55 20.43
N PRO C 8 3.67 -3.68 21.43
CA PRO C 8 2.65 -3.04 22.26
C PRO C 8 2.06 -1.81 21.60
N ALA C 9 0.84 -1.43 21.98
CA ALA C 9 0.22 -0.26 21.36
C ALA C 9 0.97 1.02 21.69
N ILE C 10 1.46 1.14 22.93
CA ILE C 10 2.20 2.32 23.37
C ILE C 10 3.55 1.84 23.89
N MET C 11 4.63 2.47 23.42
CA MET C 11 5.97 2.08 23.80
C MET C 11 6.72 3.27 24.36
N SER C 12 7.44 3.04 25.46
CA SER C 12 8.33 4.02 26.04
C SER C 12 9.76 3.62 25.75
N ALA C 13 10.61 4.60 25.43
CA ALA C 13 11.98 4.30 25.03
C ALA C 13 12.90 5.42 25.47
N SER C 14 14.19 5.19 25.30
CA SER C 14 15.25 6.09 25.72
C SER C 14 16.19 6.35 24.55
N PRO C 15 16.81 7.53 24.48
CA PRO C 15 17.66 7.84 23.32
C PRO C 15 19.01 7.14 23.37
N GLY C 16 19.05 5.88 22.92
CA GLY C 16 20.28 5.13 22.93
C GLY C 16 20.10 3.65 23.19
N GLN C 17 18.87 3.23 23.47
CA GLN C 17 18.57 1.85 23.76
C GLN C 17 17.84 1.19 22.59
N LYS C 18 18.13 -0.08 22.37
CA LYS C 18 17.48 -0.85 21.32
C LYS C 18 16.00 -1.07 21.64
N VAL C 19 15.16 -0.95 20.61
CA VAL C 19 13.72 -1.14 20.75
C VAL C 19 13.24 -2.03 19.62
N THR C 20 12.21 -2.85 19.92
CA THR C 20 11.67 -3.79 18.95
C THR C 20 10.15 -3.69 18.92
N ILE C 21 9.59 -3.76 17.72
CA ILE C 21 8.16 -3.74 17.49
C ILE C 21 7.78 -5.00 16.72
N THR C 22 6.82 -5.76 17.24
CA THR C 22 6.43 -7.02 16.65
C THR C 22 5.04 -6.91 16.03
N CYS C 23 4.93 -7.24 14.75
CA CYS C 23 3.65 -7.31 14.06
C CYS C 23 3.30 -8.78 13.85
N SER C 24 2.18 -9.20 14.43
CA SER C 24 1.78 -10.60 14.45
C SER C 24 0.56 -10.78 13.55
N ALA C 25 0.80 -11.21 12.31
CA ALA C 25 -0.29 -11.45 11.39
C ALA C 25 -1.13 -12.63 11.84
N SER C 26 -2.39 -12.65 11.42
CA SER C 26 -3.30 -13.74 11.72
C SER C 26 -3.38 -14.75 10.59
N SER C 27 -2.51 -14.65 9.59
CA SER C 27 -2.42 -15.63 8.52
C SER C 27 -1.03 -15.53 7.92
N SER C 28 -0.65 -16.54 7.15
CA SER C 28 0.68 -16.58 6.56
C SER C 28 0.85 -15.43 5.58
N VAL C 29 1.84 -14.58 5.85
CA VAL C 29 2.15 -13.43 5.00
C VAL C 29 3.61 -13.54 4.60
N ASN C 30 3.90 -13.34 3.31
CA ASN C 30 5.27 -13.44 2.84
C ASN C 30 6.09 -12.24 3.28
N TYR C 31 5.67 -11.04 2.89
CA TYR C 31 6.43 -9.82 3.12
C TYR C 31 5.62 -8.83 3.94
N MET C 32 6.29 -8.13 4.84
CA MET C 32 5.68 -7.15 5.73
C MET C 32 6.48 -5.86 5.65
N HIS C 33 5.80 -4.74 5.43
CA HIS C 33 6.42 -3.45 5.18
C HIS C 33 5.98 -2.44 6.22
N TRP C 34 6.91 -1.64 6.71
CA TRP C 34 6.68 -0.76 7.85
C TRP C 34 6.63 0.69 7.42
N TYR C 35 5.61 1.39 7.89
CA TYR C 35 5.40 2.81 7.62
C TYR C 35 5.65 3.61 8.89
N GLN C 36 6.32 4.75 8.75
CA GLN C 36 6.55 5.65 9.87
C GLN C 36 5.77 6.94 9.65
N GLN C 37 4.98 7.32 10.63
CA GLN C 37 4.21 8.56 10.59
C GLN C 37 4.63 9.43 11.76
N LYS C 38 5.18 10.60 11.47
CA LYS C 38 5.60 11.53 12.51
C LYS C 38 4.38 12.30 13.02
N LEU C 39 4.62 13.36 13.76
CA LEU C 39 3.55 14.19 14.30
C LEU C 39 2.98 15.07 13.19
N GLY C 40 1.69 14.90 12.90
CA GLY C 40 1.03 15.77 11.94
C GLY C 40 1.63 15.71 10.55
N SER C 41 1.89 14.51 10.05
CA SER C 41 2.48 14.35 8.73
C SER C 41 1.97 13.04 8.12
N SER C 42 2.01 12.98 6.80
CA SER C 42 1.61 11.77 6.11
C SER C 42 2.67 10.69 6.32
N PRO C 43 2.26 9.44 6.55
CA PRO C 43 3.24 8.37 6.73
C PRO C 43 4.07 8.18 5.47
N LYS C 44 5.31 7.77 5.66
CA LYS C 44 6.21 7.50 4.55
C LYS C 44 6.78 6.10 4.69
N LEU C 45 7.10 5.49 3.56
CA LEU C 45 7.64 4.13 3.58
C LEU C 45 8.99 4.12 4.28
N TRP C 46 9.17 3.17 5.18
CA TRP C 46 10.38 3.08 6.00
C TRP C 46 11.18 1.84 5.70
N ILE C 47 10.58 0.66 5.82
CA ILE C 47 11.22 -0.61 5.56
C ILE C 47 10.25 -1.45 4.75
N TYR C 48 10.72 -1.98 3.62
CA TYR C 48 9.89 -2.80 2.76
C TYR C 48 10.55 -4.15 2.55
N ASP C 49 9.71 -5.18 2.39
CA ASP C 49 10.14 -6.56 2.21
C ASP C 49 10.87 -7.12 3.44
N THR C 50 10.58 -6.55 4.61
CA THR C 50 10.97 -7.05 5.92
C THR C 50 12.46 -6.92 6.22
N SER C 51 13.27 -6.60 5.23
CA SER C 51 14.69 -6.41 5.48
C SER C 51 15.30 -5.23 4.75
N LYS C 52 14.73 -4.77 3.64
CA LYS C 52 15.33 -3.72 2.86
C LYS C 52 14.95 -2.36 3.44
N LEU C 53 15.67 -1.33 2.99
CA LEU C 53 15.47 0.03 3.44
C LEU C 53 15.00 0.88 2.29
N ALA C 54 14.06 1.78 2.56
CA ALA C 54 13.59 2.73 1.56
C ALA C 54 14.68 3.78 1.32
N LEU C 55 14.37 4.77 0.51
CA LEU C 55 15.32 5.84 0.22
C LEU C 55 15.21 6.91 1.29
N GLY C 56 16.33 7.22 1.96
CA GLY C 56 16.38 8.26 2.95
C GLY C 56 16.33 7.78 4.38
N VAL C 57 15.89 6.56 4.61
CA VAL C 57 15.82 6.03 5.98
C VAL C 57 17.24 5.78 6.49
N PRO C 58 17.58 6.18 7.71
CA PRO C 58 18.92 5.92 8.23
C PRO C 58 19.19 4.42 8.34
N ALA C 59 20.47 4.07 8.33
CA ALA C 59 20.88 2.67 8.29
C ALA C 59 20.68 1.96 9.63
N ARG C 60 20.36 2.66 10.70
CA ARG C 60 20.22 2.01 12.00
C ARG C 60 19.03 1.05 12.02
N PHE C 61 17.98 1.35 11.28
CA PHE C 61 16.79 0.51 11.29
C PHE C 61 17.07 -0.85 10.66
N SER C 62 16.30 -1.84 11.07
CA SER C 62 16.47 -3.20 10.57
C SER C 62 15.24 -4.02 10.89
N GLY C 63 14.80 -4.83 9.93
CA GLY C 63 13.70 -5.74 10.12
C GLY C 63 14.15 -7.18 9.95
N SER C 64 13.45 -8.08 10.62
CA SER C 64 13.80 -9.49 10.60
C SER C 64 12.54 -10.32 10.73
N GLY C 65 12.70 -11.64 10.66
CA GLY C 65 11.62 -12.56 10.89
C GLY C 65 10.96 -13.03 9.61
N SER C 66 10.18 -14.10 9.74
CA SER C 66 9.41 -14.64 8.62
C SER C 66 8.26 -15.46 9.18
N GLY C 67 7.27 -15.69 8.33
CA GLY C 67 6.09 -16.45 8.73
C GLY C 67 4.94 -15.51 9.14
N THR C 68 4.60 -15.53 10.43
CA THR C 68 3.57 -14.67 10.99
C THR C 68 4.08 -13.89 12.19
N SER C 69 5.36 -13.49 12.18
CA SER C 69 5.93 -12.73 13.28
C SER C 69 7.12 -11.95 12.74
N TYR C 70 6.91 -10.67 12.47
CA TYR C 70 7.95 -9.78 11.94
C TYR C 70 8.27 -8.70 12.96
N SER C 71 9.54 -8.32 13.01
CA SER C 71 10.01 -7.35 13.99
C SER C 71 10.74 -6.21 13.29
N LEU C 72 10.72 -5.04 13.93
CA LEU C 72 11.51 -3.90 13.52
C LEU C 72 12.47 -3.56 14.65
N THR C 73 13.75 -3.48 14.34
CA THR C 73 14.79 -3.26 15.35
C THR C 73 15.50 -1.94 15.07
N ILE C 74 15.75 -1.19 16.14
CA ILE C 74 16.55 0.02 16.08
C ILE C 74 17.79 -0.20 16.92
N SER C 75 18.96 -0.13 16.29
CA SER C 75 20.20 -0.41 17.01
C SER C 75 20.47 0.65 18.07
N SER C 76 20.48 1.92 17.67
CA SER C 76 20.73 3.04 18.58
C SER C 76 19.66 4.10 18.32
N MET C 77 18.70 4.20 19.21
CA MET C 77 17.63 5.18 19.08
C MET C 77 18.15 6.60 19.25
N GLU C 78 17.66 7.50 18.41
CA GLU C 78 17.93 8.93 18.54
C GLU C 78 16.62 9.68 18.77
N ALA C 79 16.75 10.95 19.14
CA ALA C 79 15.57 11.74 19.49
C ALA C 79 14.66 11.99 18.28
N GLU C 80 15.17 11.85 17.07
CA GLU C 80 14.39 12.10 15.86
C GLU C 80 13.44 10.97 15.52
N ASP C 81 13.51 9.85 16.21
CA ASP C 81 12.77 8.65 15.83
C ASP C 81 11.43 8.51 16.53
N ALA C 82 11.00 9.49 17.30
CA ALA C 82 9.73 9.40 18.01
C ALA C 82 8.58 9.62 17.04
N ALA C 83 7.92 8.54 16.65
CA ALA C 83 6.82 8.59 15.69
C ALA C 83 5.95 7.36 15.90
N SER C 84 5.05 7.11 14.94
CA SER C 84 4.15 5.96 14.99
C SER C 84 4.44 5.05 13.81
N TYR C 85 4.60 3.76 14.08
CA TYR C 85 5.00 2.78 13.07
C TYR C 85 3.86 1.81 12.81
N PHE C 86 3.51 1.66 11.53
CA PHE C 86 2.46 0.76 11.09
C PHE C 86 3.04 -0.35 10.23
N CYS C 87 2.61 -1.58 10.46
CA CYS C 87 3.02 -2.69 9.62
C CYS C 87 1.99 -2.92 8.54
N HIS C 88 2.47 -3.03 7.29
CA HIS C 88 1.59 -3.06 6.13
C HIS C 88 2.03 -4.16 5.19
N GLN C 89 1.07 -4.94 4.69
CA GLN C 89 1.34 -6.02 3.74
C GLN C 89 0.49 -5.82 2.50
N TRP C 90 1.09 -6.04 1.33
CA TRP C 90 0.37 -5.95 0.08
C TRP C 90 0.44 -7.25 -0.71
N SER C 91 0.89 -8.33 -0.10
CA SER C 91 1.05 -9.60 -0.80
C SER C 91 -0.26 -10.38 -0.93
N SER C 92 -1.29 -10.02 -0.17
CA SER C 92 -2.57 -10.72 -0.21
C SER C 92 -3.68 -9.71 -0.01
N TYR C 93 -4.40 -9.38 -1.07
CA TYR C 93 -5.41 -8.34 -1.02
C TYR C 93 -6.54 -8.75 -0.07
N PRO C 94 -7.18 -7.78 0.60
CA PRO C 94 -6.89 -6.34 0.58
C PRO C 94 -5.72 -5.99 1.48
N ARG C 95 -4.97 -4.94 1.16
CA ARG C 95 -3.88 -4.52 2.03
C ARG C 95 -4.45 -4.03 3.36
N THR C 96 -3.87 -4.51 4.46
CA THR C 96 -4.34 -4.13 5.78
C THR C 96 -3.18 -3.62 6.61
N PHE C 97 -3.33 -2.41 7.15
CA PHE C 97 -2.34 -1.82 8.02
C PHE C 97 -2.53 -2.32 9.45
N GLY C 98 -1.48 -2.23 10.23
CA GLY C 98 -1.57 -2.62 11.62
C GLY C 98 -2.20 -1.56 12.49
N GLY C 99 -2.40 -1.91 13.76
CA GLY C 99 -2.94 -0.96 14.71
C GLY C 99 -2.01 0.20 15.01
N GLY C 100 -0.71 0.02 14.79
CA GLY C 100 0.24 1.09 15.00
C GLY C 100 0.73 1.20 16.43
N THR C 101 2.02 1.42 16.59
CA THR C 101 2.62 1.65 17.90
C THR C 101 3.14 3.08 17.98
N LYS C 102 2.91 3.71 19.12
CA LYS C 102 3.35 5.08 19.34
C LYS C 102 4.66 5.05 20.11
N LEU C 103 5.76 5.37 19.42
CA LEU C 103 7.09 5.36 20.01
C LEU C 103 7.38 6.72 20.62
N GLU C 104 7.64 6.75 21.92
CA GLU C 104 7.88 7.98 22.66
C GLU C 104 9.32 8.00 23.16
N ILE C 105 9.63 9.03 23.93
CA ILE C 105 10.94 9.21 24.54
C ILE C 105 10.75 9.40 26.04
N LYS C 106 11.48 8.61 26.83
CA LYS C 106 11.38 8.66 28.28
C LYS C 106 12.39 9.64 28.85
N ARG C 107 12.10 10.12 30.06
CA ARG C 107 12.96 11.05 30.76
C ARG C 107 12.61 11.00 32.24
N ALA C 108 13.29 11.82 33.04
CA ALA C 108 13.00 11.89 34.47
C ALA C 108 11.59 12.40 34.70
N ASP C 109 10.93 11.88 35.74
CA ASP C 109 9.57 12.28 36.04
C ASP C 109 9.53 13.72 36.53
N ALA C 110 8.45 14.42 36.15
CA ALA C 110 8.26 15.82 36.50
C ALA C 110 6.87 16.02 37.07
N ALA C 111 6.76 17.01 37.96
CA ALA C 111 5.51 17.33 38.65
C ALA C 111 4.72 18.37 37.87
N PRO C 112 3.41 18.17 37.73
CA PRO C 112 2.58 19.13 36.99
C PRO C 112 2.49 20.47 37.71
N THR C 113 2.32 21.53 36.92
CA THR C 113 2.14 22.89 37.42
C THR C 113 0.66 23.24 37.32
N VAL C 114 -0.10 22.84 38.34
CA VAL C 114 -1.55 23.03 38.33
C VAL C 114 -1.87 24.52 38.45
N SER C 115 -2.80 24.98 37.62
CA SER C 115 -3.24 26.36 37.63
C SER C 115 -4.76 26.42 37.58
N ILE C 116 -5.32 27.51 38.12
CA ILE C 116 -6.76 27.73 38.15
C ILE C 116 -7.02 29.15 37.65
N PHE C 117 -7.96 29.26 36.71
CA PHE C 117 -8.34 30.56 36.16
C PHE C 117 -9.84 30.79 36.36
N PRO C 118 -10.23 31.91 36.96
CA PRO C 118 -11.65 32.15 37.19
C PRO C 118 -12.39 32.38 35.89
N PRO C 119 -13.67 32.01 35.82
CA PRO C 119 -14.45 32.29 34.61
C PRO C 119 -14.56 33.77 34.35
N SER C 120 -14.50 34.14 33.07
CA SER C 120 -14.58 35.54 32.69
C SER C 120 -16.01 36.05 32.79
N SER C 121 -16.13 37.37 32.94
CA SER C 121 -17.45 37.99 33.02
C SER C 121 -18.23 37.88 31.72
N GLU C 122 -17.54 37.68 30.59
CA GLU C 122 -18.24 37.49 29.33
C GLU C 122 -19.11 36.24 29.35
N GLN C 123 -18.59 35.15 29.92
CA GLN C 123 -19.39 33.95 30.06
C GLN C 123 -20.60 34.18 30.95
N LEU C 124 -20.42 34.91 32.05
CA LEU C 124 -21.53 35.20 32.94
C LEU C 124 -22.60 36.03 32.24
N THR C 125 -22.18 37.01 31.43
CA THR C 125 -23.13 37.78 30.65
C THR C 125 -23.86 36.92 29.64
N SER C 126 -23.13 35.97 29.02
CA SER C 126 -23.76 35.07 28.07
C SER C 126 -24.81 34.19 28.75
N GLY C 127 -24.51 33.70 29.94
CA GLY C 127 -25.45 32.88 30.68
C GLY C 127 -24.85 31.61 31.24
N GLY C 128 -23.53 31.49 31.17
CA GLY C 128 -22.86 30.30 31.67
C GLY C 128 -21.57 30.61 32.40
N ALA C 129 -20.82 29.57 32.77
CA ALA C 129 -19.54 29.74 33.44
C ALA C 129 -18.76 28.44 33.35
N SER C 130 -17.54 28.51 32.83
CA SER C 130 -16.67 27.35 32.68
C SER C 130 -15.31 27.69 33.24
N VAL C 131 -14.94 27.05 34.35
CA VAL C 131 -13.64 27.23 34.97
C VAL C 131 -12.66 26.23 34.36
N VAL C 132 -11.40 26.62 34.28
CA VAL C 132 -10.37 25.81 33.62
C VAL C 132 -9.36 25.36 34.67
N CYS C 133 -8.69 24.25 34.37
CA CYS C 133 -7.61 23.72 35.18
C CYS C 133 -6.45 23.36 34.27
N PHE C 134 -5.33 24.06 34.41
CA PHE C 134 -4.17 23.90 33.54
C PHE C 134 -3.10 23.10 34.24
N LEU C 135 -2.73 21.96 33.67
CA LEU C 135 -1.59 21.18 34.11
C LEU C 135 -0.56 21.19 32.99
N ASN C 136 0.66 21.61 33.30
CA ASN C 136 1.69 21.81 32.29
C ASN C 136 2.99 21.16 32.74
N ASN C 137 3.72 20.61 31.77
CA ASN C 137 5.09 20.13 31.97
C ASN C 137 5.14 19.05 33.05
N PHE C 138 4.50 17.92 32.76
CA PHE C 138 4.52 16.77 33.64
C PHE C 138 4.87 15.52 32.84
N TYR C 139 5.41 14.52 33.56
CA TYR C 139 5.76 13.23 32.99
C TYR C 139 5.78 12.22 34.13
N PRO C 140 5.33 10.98 33.92
CA PRO C 140 4.78 10.39 32.68
C PRO C 140 3.35 10.85 32.38
N LYS C 141 2.77 10.38 31.28
CA LYS C 141 1.54 10.98 30.78
C LYS C 141 0.32 10.57 31.61
N ASP C 142 0.37 9.42 32.28
CA ASP C 142 -0.79 8.97 33.04
C ASP C 142 -1.05 9.90 34.21
N ILE C 143 -2.28 10.37 34.33
CA ILE C 143 -2.66 11.31 35.38
C ILE C 143 -4.16 11.28 35.53
N ASN C 144 -4.63 11.42 36.78
CA ASN C 144 -6.04 11.49 37.09
C ASN C 144 -6.36 12.86 37.67
N VAL C 145 -7.52 13.40 37.29
CA VAL C 145 -7.95 14.72 37.71
C VAL C 145 -9.28 14.58 38.45
N LYS C 146 -9.38 15.21 39.61
CA LYS C 146 -10.59 15.19 40.43
C LYS C 146 -11.15 16.60 40.52
N TRP C 147 -12.42 16.76 40.18
CA TRP C 147 -13.11 18.05 40.23
C TRP C 147 -14.04 18.07 41.43
N LYS C 148 -13.81 19.01 42.34
CA LYS C 148 -14.61 19.15 43.56
C LYS C 148 -15.24 20.53 43.59
N ILE C 149 -16.52 20.58 43.90
CA ILE C 149 -17.26 21.84 44.04
C ILE C 149 -17.70 21.97 45.49
N ASP C 150 -17.28 23.06 46.14
CA ASP C 150 -17.57 23.30 47.55
C ASP C 150 -17.11 22.14 48.42
N GLY C 151 -15.98 21.54 48.03
CA GLY C 151 -15.47 20.37 48.74
C GLY C 151 -16.13 19.07 48.38
N SER C 152 -17.07 19.06 47.44
CA SER C 152 -17.79 17.85 47.04
C SER C 152 -17.44 17.54 45.58
N GLU C 153 -17.08 16.29 45.32
CA GLU C 153 -16.73 15.87 43.98
C GLU C 153 -17.94 15.93 43.05
N ARG C 154 -17.72 16.40 41.83
CA ARG C 154 -18.78 16.49 40.82
C ARG C 154 -18.20 15.99 39.50
N GLN C 155 -18.64 14.81 39.07
CA GLN C 155 -18.20 14.25 37.80
C GLN C 155 -18.90 14.87 36.60
N ASN C 156 -20.00 15.59 36.82
CA ASN C 156 -20.72 16.20 35.71
C ASN C 156 -19.90 17.33 35.09
N GLY C 157 -19.92 17.40 33.76
CA GLY C 157 -19.22 18.45 33.05
C GLY C 157 -17.71 18.41 33.19
N VAL C 158 -17.12 17.23 33.17
CA VAL C 158 -15.68 17.07 33.32
C VAL C 158 -15.06 16.85 31.94
N LEU C 159 -14.06 17.64 31.61
CA LEU C 159 -13.40 17.57 30.32
C LEU C 159 -11.92 17.23 30.50
N ASN C 160 -11.38 16.47 29.55
CA ASN C 160 -9.97 16.12 29.53
C ASN C 160 -9.42 16.33 28.13
N SER C 161 -8.22 16.88 28.04
CA SER C 161 -7.60 17.15 26.74
C SER C 161 -6.09 17.05 26.90
N TRP C 162 -5.51 16.00 26.32
CA TRP C 162 -4.08 15.77 26.42
C TRP C 162 -3.35 16.63 25.38
N THR C 163 -2.05 16.38 25.22
CA THR C 163 -1.25 16.99 24.17
C THR C 163 -0.27 15.94 23.66
N ASP C 164 0.42 16.28 22.58
CA ASP C 164 1.46 15.42 22.05
C ASP C 164 2.76 15.66 22.82
N GLN C 165 3.81 14.93 22.44
CA GLN C 165 5.11 15.14 23.07
C GLN C 165 5.61 16.54 22.77
N ASP C 166 6.15 17.19 23.79
CA ASP C 166 6.81 18.47 23.59
C ASP C 166 8.17 18.24 22.95
N SER C 167 8.39 18.86 21.79
CA SER C 167 9.63 18.63 21.05
C SER C 167 10.86 19.18 21.76
N LYS C 168 10.68 20.06 22.75
CA LYS C 168 11.80 20.67 23.46
C LYS C 168 12.07 20.01 24.80
N ASP C 169 11.02 19.73 25.58
CA ASP C 169 11.18 19.22 26.94
C ASP C 169 10.79 17.75 27.08
N SER C 170 10.10 17.17 26.10
CA SER C 170 9.62 15.80 26.17
C SER C 170 8.75 15.58 27.41
N THR C 171 7.65 16.32 27.45
CA THR C 171 6.71 16.26 28.56
C THR C 171 5.30 16.33 27.99
N TYR C 172 4.32 16.54 28.88
CA TYR C 172 2.92 16.57 28.45
C TYR C 172 2.17 17.76 29.03
N SER C 173 0.86 17.79 28.85
CA SER C 173 0.03 18.84 29.41
C SER C 173 -1.41 18.36 29.46
N MET C 174 -2.23 19.09 30.20
CA MET C 174 -3.63 18.76 30.43
C MET C 174 -4.49 19.99 30.26
N SER C 175 -5.80 19.77 30.18
CA SER C 175 -6.77 20.86 30.15
C SER C 175 -8.11 20.31 30.59
N SER C 176 -8.62 20.83 31.71
CA SER C 176 -9.90 20.40 32.25
C SER C 176 -10.79 21.62 32.43
N THR C 177 -12.01 21.54 31.93
CA THR C 177 -13.00 22.61 32.06
C THR C 177 -14.27 22.05 32.67
N LEU C 178 -14.86 22.80 33.59
CA LEU C 178 -16.11 22.42 34.23
C LEU C 178 -17.21 23.30 33.66
N THR C 179 -18.08 22.71 32.84
CA THR C 179 -19.14 23.44 32.17
C THR C 179 -20.39 23.48 33.05
N LEU C 180 -20.75 24.68 33.50
CA LEU C 180 -21.92 24.86 34.35
C LEU C 180 -22.63 26.15 33.95
N THR C 181 -23.90 26.24 34.33
CA THR C 181 -24.69 27.42 34.05
C THR C 181 -24.30 28.57 34.98
N LYS C 182 -24.75 29.77 34.63
CA LYS C 182 -24.46 30.94 35.45
C LYS C 182 -25.09 30.81 36.83
N ASP C 183 -26.32 30.30 36.91
CA ASP C 183 -26.98 30.13 38.20
C ASP C 183 -26.23 29.12 39.06
N GLU C 184 -25.77 28.02 38.46
CA GLU C 184 -25.01 27.02 39.21
C GLU C 184 -23.71 27.61 39.74
N TYR C 185 -23.03 28.42 38.92
CA TYR C 185 -21.82 29.10 39.38
C TYR C 185 -22.12 30.04 40.54
N GLU C 186 -23.22 30.79 40.45
CA GLU C 186 -23.58 31.72 41.51
C GLU C 186 -24.10 31.01 42.75
N ARG C 187 -24.51 29.74 42.62
CA ARG C 187 -25.02 29.01 43.78
C ARG C 187 -23.91 28.67 44.77
N HIS C 188 -22.68 28.54 44.30
CA HIS C 188 -21.55 28.17 45.13
C HIS C 188 -20.50 29.27 45.11
N ASN C 189 -19.50 29.14 45.98
CA ASN C 189 -18.45 30.13 46.08
C ASN C 189 -17.06 29.49 46.00
N SER C 190 -16.94 28.24 46.42
CA SER C 190 -15.66 27.55 46.47
C SER C 190 -15.56 26.53 45.34
N TYR C 191 -14.49 26.62 44.56
CA TYR C 191 -14.21 25.68 43.49
C TYR C 191 -12.81 25.11 43.70
N THR C 192 -12.69 23.78 43.63
CA THR C 192 -11.43 23.11 43.89
C THR C 192 -11.11 22.14 42.76
N CYS C 193 -9.88 22.20 42.27
CA CYS C 193 -9.38 21.28 41.25
C CYS C 193 -8.27 20.44 41.88
N GLU C 194 -8.44 19.13 41.85
CA GLU C 194 -7.51 18.19 42.47
C GLU C 194 -6.77 17.41 41.40
N ALA C 195 -5.45 17.39 41.51
CA ALA C 195 -4.58 16.70 40.55
C ALA C 195 -3.80 15.62 41.27
N THR C 196 -3.87 14.40 40.76
CA THR C 196 -3.18 13.25 41.33
C THR C 196 -2.22 12.68 40.31
N HIS C 197 -0.95 12.52 40.71
CA HIS C 197 0.08 11.98 39.83
C HIS C 197 0.96 11.03 40.62
N LYS C 198 1.64 10.15 39.87
CA LYS C 198 2.55 9.18 40.48
C LYS C 198 3.78 9.84 41.11
N THR C 199 4.15 11.04 40.66
CA THR C 199 5.35 11.68 41.17
C THR C 199 5.23 11.98 42.66
N SER C 200 4.08 12.51 43.08
CA SER C 200 3.88 12.88 44.48
C SER C 200 2.63 12.19 45.00
N THR C 201 2.75 11.56 46.17
CA THR C 201 1.60 10.89 46.78
C THR C 201 0.52 11.90 47.16
N SER C 202 0.92 13.04 47.71
CA SER C 202 -0.04 14.06 48.09
C SER C 202 -0.54 14.80 46.86
N PRO C 203 -1.85 14.80 46.59
CA PRO C 203 -2.35 15.50 45.41
C PRO C 203 -2.16 17.01 45.51
N ILE C 204 -1.98 17.63 44.35
CA ILE C 204 -1.87 19.08 44.27
C ILE C 204 -3.28 19.67 44.27
N VAL C 205 -3.54 20.57 45.22
CA VAL C 205 -4.87 21.16 45.40
C VAL C 205 -4.78 22.64 45.10
N LYS C 206 -5.59 23.10 44.15
CA LYS C 206 -5.72 24.51 43.82
C LYS C 206 -7.19 24.89 43.91
N SER C 207 -7.48 25.98 44.61
CA SER C 207 -8.85 26.41 44.85
C SER C 207 -9.01 27.89 44.56
N PHE C 208 -10.22 28.27 44.16
CA PHE C 208 -10.58 29.66 43.94
C PHE C 208 -11.90 29.95 44.63
N ASN C 209 -11.97 31.06 45.35
CA ASN C 209 -13.16 31.46 46.08
C ASN C 209 -13.73 32.73 45.48
N ARG C 210 -15.01 32.69 45.10
CA ARG C 210 -15.67 33.82 44.47
C ARG C 210 -16.14 34.88 45.45
N ASN C 211 -16.12 34.58 46.76
CA ASN C 211 -16.55 35.57 47.74
C ASN C 211 -15.64 36.79 47.74
N GLU C 212 -14.33 36.57 47.63
CA GLU C 212 -13.36 37.66 47.59
C GLU C 212 -13.10 38.17 46.18
N CYS C 213 -13.64 37.50 45.16
CA CYS C 213 -13.46 37.88 43.77
C CYS C 213 -11.98 37.94 43.38
C1 TCH D . 21.77 -22.26 -21.97
C2 TCH D . 22.76 -23.06 -22.81
C3 TCH D . 23.92 -22.18 -23.20
O3 TCH D . 24.95 -22.88 -23.88
C4 TCH D . 23.45 -21.06 -24.13
C5 TCH D . 22.01 -20.57 -23.87
C6 TCH D . 21.06 -20.96 -25.01
C7 TCH D . 19.72 -20.21 -25.01
O7 TCH D . 18.66 -21.03 -25.44
C8 TCH D . 19.42 -19.66 -23.62
C9 TCH D . 19.84 -20.64 -22.50
C10 TCH D . 21.39 -20.85 -22.47
C11 TCH D . 19.28 -20.22 -21.15
C12 TCH D . 17.82 -19.76 -21.12
O12 TCH D . 16.95 -20.83 -21.43
C13 TCH D . 17.61 -18.64 -22.13
C14 TCH D . 17.96 -19.25 -23.49
C15 TCH D . 17.43 -18.24 -24.50
C16 TCH D . 16.17 -17.67 -23.84
C17 TCH D . 16.16 -18.11 -22.35
C18 TCH D . 18.50 -17.46 -21.73
C19 TCH D . 22.00 -19.86 -21.45
O1S TCH D . 11.56 -10.29 -19.18
C20 TCH D . 15.66 -17.00 -21.43
C21 TCH D . 15.06 -17.53 -20.13
C22 TCH D . 14.65 -16.08 -22.17
C23 TCH D . 13.20 -16.45 -21.94
C24 TCH D . 12.29 -15.28 -21.61
N24 TCH D . 12.86 -14.34 -20.83
O24 TCH D . 11.13 -15.18 -22.00
C25 TCH D . 12.19 -13.14 -20.39
C26 TCH D . 13.12 -12.38 -19.45
S26 TCH D . 12.25 -11.28 -18.33
O2S TCH D . 11.32 -12.12 -17.56
O3S TCH D . 13.31 -10.68 -17.50
C1 TCH E . 18.74 -20.98 -28.67
C2 TCH E . 19.99 -21.59 -29.31
C3 TCH E . 19.93 -23.11 -29.39
O3 TCH E . 21.20 -23.71 -29.19
C4 TCH E . 18.99 -23.65 -28.35
C5 TCH E . 17.54 -23.21 -28.62
C6 TCH E . 16.61 -23.76 -27.54
C7 TCH E . 15.16 -23.29 -27.55
O7 TCH E . 14.65 -23.19 -26.24
C8 TCH E . 14.99 -21.95 -28.22
C9 TCH E . 16.26 -21.11 -28.00
C10 TCH E . 17.39 -21.69 -28.89
C11 TCH E . 16.01 -19.61 -28.22
C12 TCH E . 14.76 -19.07 -27.50
O12 TCH E . 14.80 -19.35 -26.12
C13 TCH E . 13.53 -19.76 -28.07
C14 TCH E . 13.69 -21.26 -27.79
C15 TCH E . 12.40 -21.80 -28.37
C16 TCH E . 11.37 -20.81 -27.79
C17 TCH E . 12.16 -19.52 -27.40
C18 TCH E . 13.41 -19.45 -29.57
C19 TCH E . 17.02 -21.45 -30.36
O1S TCH E . 7.26 -12.22 -28.39
C20 TCH E . 11.32 -18.28 -27.72
C21 TCH E . 11.88 -16.99 -27.11
C22 TCH E . 9.87 -18.48 -27.23
C23 TCH E . 8.95 -17.32 -27.52
C24 TCH E . 7.50 -17.73 -27.72
N24 TCH E . 6.63 -16.72 -27.86
O24 TCH E . 7.14 -18.90 -27.74
C25 TCH E . 7.00 -15.32 -27.83
C26 TCH E . 6.65 -14.65 -29.15
S26 TCH E . 6.11 -12.95 -28.97
O2S TCH E . 4.96 -13.00 -28.06
O3S TCH E . 5.77 -12.50 -30.33
#